data_3J0O
#
_entry.id   3J0O
#
_cell.length_a   1
_cell.length_b   1
_cell.length_c   1
_cell.angle_alpha   90
_cell.angle_beta   90
_cell.angle_gamma   90
#
_symmetry.space_group_name_H-M   'P 1'
#
loop_
_entity.id
_entity.type
_entity.pdbx_description
1 polymer '40S ribosomal RNA fragment'
2 polymer '40S ribosomal RNA fragment'
3 polymer '40S ribosomal RNA fragment'
4 polymer '40S ribosomal RNA fragment'
5 polymer '40S ribosomal RNA fragment'
6 polymer '40S ribosomal RNA fragment'
7 polymer '40S ribosomal RNA fragment'
8 polymer '40S ribosomal RNA fragment'
9 polymer '40S ribosomal RNA fragment'
10 polymer '40S ribosomal RNA fragment'
11 polymer 'Ribosomal protein S5'
12 polymer 'Ribosomal protein S14'
13 polymer 'Ribosomal protein S23'
14 polymer 'Ribosomal protein S30'
15 polymer 'Ribosomal protein S15'
16 polymer '60S ribosomal RNA fragment'
17 polymer '60S ribosomal RNA fragment'
18 polymer '60S ribosomal RNA fragment'
19 polymer '60S ribosomal RNA fragment'
20 polymer '60S ribosomal RNA fragment'
21 polymer '60S ribosomal RNA fragment'
22 polymer '60S ribosomal RNA fragment'
23 polymer 'Ribosomal protein L10a'
24 polymer 'Ribosomal protein L36a'
25 polymer tRNA
26 polymer 'mRNA fragment'
27 polymer 'mRNA fragment'
#
loop_
_entity_poly.entity_id
_entity_poly.type
_entity_poly.pdbx_seq_one_letter_code
_entity_poly.pdbx_strand_id
1 'polyribonucleotide' GGAGGGCAAGUCAUGGUGCCAGCAGCCGCGGUAAUUCCAGCUCCAAUA a
2 'polyribonucleotide' GAGGUGAAAUUC b
3 'polyribonucleotide' GACGAUCAGAUACCGUC c
4 'polyribonucleotide' CGAGGAA d
5 'polyribonucleotide' ACCA e
6 'polyribonucleotide' UCCCU E
7 'polyribonucleotide' GGUGGUGGUGCAUGGCCGUUC f
8 'polyribonucleotide' GAACCUGCGGCUUAAUUUGACUCAACACGGG g
9 'polyribonucleotide' GCACGCGCGUUAC G
10 'polyribonucleotide'
;CACCGCCCGUCGCUUGUAGUAACGAAUGGUCUGGUGAACCUUCUGGACUGCGACAGCAAUGUUGCGGAAAAAUAAGUAAA
CCCUACCAUUUGGAACAACAAGAAGUCGUAA
;
h
11 'polypeptide(L)'
;TQPKLFGKWNYDEVKIQDPCFQNYIACTTTKSQVFVPHTAGRYQVKKFRKTQCPIVERLIGTLMFHGRNAGKKALCIKVV
KNAFEIIHLVTGRNPLEVFVGAVQNAGPREDSTRIGTAGVVRKQAVDVAPMRRVNLAIYFIIKGCRESAFKSMRSIAETL
ADEIINAEKNNTQSSWAIRKKDEIEKVAKGNR
;
T
12 'polypeptide(L)'
;EVISYGPPNVGANENVFGVCHIMATWNDTFIHVTDLSGRETLVRVTGGMKVKADREESSPYAAMQAAIDVVNRCKELKIN
ALHIKLRAKGGVETKQPGPGAQSALRALARSGMKIGRIEDVTPIPTDSTRREGGRRGRRL
;
K
13 'polypeptide(L)'
;GVGKPRGIRAGRKLARHRKDQRWADNDFNKRLLGSRWRNPFMGASHAKGLVTEKIGIESKQPNSAVRKCVRVLLRKNSKK
IAAFVPMDGCLNFLAENDEVLVAGLGRQGHAVGDIPGVRFKVVCVKGISLLALFKGKKEKR
;
L
14 'polypeptide(L)' TLAKAGKVRKQTPKVEKKDKPRKTPKGRSYKRILYNRRYAPHILATDPKKRKSPNWHAGKKEKMDAAA X
15 'polypeptide(L)'
;FTFRGKGLEELTALASGSNSEKLISDELAALFDAKTRRRVKRGISEKYAKFVNKVRRSKEKCPAGEKPVPVKTHYRSMIV
IPELVGGIVGVYNGKEFVNVEVKFDMIGKYLAEFAMTYKPTTHGK
;
S
16 'polyribonucleotide'
;GCCCAGUGCUCUGAAUGUCAAAGUGAAGAAAUUCAACCAAGCGCGGGUAAACGGCGGGAGUAACUAUGACUCUCUUAAGG
UAGCCAAAUGCCUCGUCAUCUAAUUAGUGACG
;
2
17 'polyribonucleotide' GCCAGUGAAAUA 3
18 'polyribonucleotide' GGCUGGGGCGGCAC 4
19 'polyribonucleotide' CCUAAG 5
20 'polyribonucleotide' AGAACAAAAGGGUAAAAGC 6
21 'polyribonucleotide' GCUUGUGGCAGUCAAGCGUUCAUAGCGACAUUGCUUUUUGAUUCUUCGAU 7
22 'polyribonucleotide' GACCGUCGUGAGACAGGUUA 8
23 'polypeptide(L)'
;ITSSQVREHVKELLKYSNETKKRNFLETVELQVGLKNYDPQRDKRFSGSLKLPNCPRPNMSICIFGDAFDVDRAKSCGVD
AMSVDDLKKLNKNKKLIKKLSKKYNAFIASEVLIKQVPRLLGPQLSKAGKFPTPVSHNDDLYGKVTDVRSTIKFQLKKVL
CLAVAVGNVEMEEDVLVNQILMSVNFFVSLLKKNWQNVGSLVVKSSMGPAFRL
;
B
24 'polypeptide(L)'
;VNVPKTRKTYCKGKTCRKHTQHKVTQYKAGKASLFAQGKRRYDRKQSGFGGQTKPVFHKKAKTTKKVVLRLECVKCKTRA
QLTLKRCKHFELGGE
;
F
25 'polyribonucleotide' GCCCGGAUAGCUCAGUCGGUAGAGCAGGGGAUUGAAAAUCCCCGUGUCCUUGGUUCGAUUCCGAGUCCGGGCACCA Y,V,W
26 'polyribonucleotide' UUC y,v
27 'polyribonucleotide' AA w
#
# COMPACT_ATOMS: atom_id res chain seq x y z
N THR K 1 27.78 -20.08 54.11
CA THR K 1 27.64 -20.85 52.85
C THR K 1 26.95 -20.06 51.73
N GLN K 2 27.17 -20.48 50.49
CA GLN K 2 26.62 -19.81 49.30
C GLN K 2 25.11 -19.94 49.09
N PRO K 3 24.39 -18.80 49.12
CA PRO K 3 22.93 -18.78 48.93
C PRO K 3 22.51 -18.97 47.47
N LYS K 4 22.13 -20.20 47.12
CA LYS K 4 21.70 -20.51 45.77
C LYS K 4 20.40 -19.81 45.41
N LEU K 5 20.17 -19.59 44.12
CA LEU K 5 18.97 -18.94 43.63
C LEU K 5 17.76 -19.86 43.69
N PHE K 6 16.62 -19.34 44.16
CA PHE K 6 15.42 -20.15 44.28
C PHE K 6 15.74 -21.38 45.10
N GLY K 7 16.90 -21.34 45.75
CA GLY K 7 17.35 -22.45 46.59
C GLY K 7 18.17 -23.51 45.88
N LYS K 8 18.20 -23.45 44.55
CA LYS K 8 18.91 -24.45 43.77
C LYS K 8 19.52 -23.94 42.48
N TRP K 9 20.48 -23.02 42.59
CA TRP K 9 21.17 -22.47 41.44
C TRP K 9 22.33 -21.58 41.87
N ASN K 10 23.52 -22.18 41.94
CA ASN K 10 24.73 -21.48 42.35
C ASN K 10 25.01 -20.27 41.44
N TYR K 11 25.29 -19.11 42.04
CA TYR K 11 25.56 -17.89 41.28
C TYR K 11 26.97 -17.90 40.68
N ASP K 12 27.90 -18.44 41.45
CA ASP K 12 29.30 -18.52 41.04
C ASP K 12 29.46 -19.51 39.90
N GLU K 13 28.33 -20.04 39.43
CA GLU K 13 28.32 -21.01 38.34
C GLU K 13 28.48 -20.24 37.03
N VAL K 14 28.50 -18.92 37.14
CA VAL K 14 28.67 -18.08 35.96
C VAL K 14 29.72 -17.03 36.18
N LYS K 15 30.18 -16.46 35.07
CA LYS K 15 31.17 -15.40 35.07
C LYS K 15 30.93 -14.62 33.79
N ILE K 16 31.23 -13.32 33.82
CA ILE K 16 31.04 -12.48 32.64
C ILE K 16 32.36 -12.38 31.92
N GLN K 17 32.51 -13.15 30.85
CA GLN K 17 33.74 -13.17 30.09
C GLN K 17 34.03 -11.84 29.39
N ASP K 18 33.02 -11.29 28.71
CA ASP K 18 33.19 -10.02 28.03
C ASP K 18 33.28 -8.93 29.11
N PRO K 19 34.15 -7.91 28.91
CA PRO K 19 34.36 -6.79 29.85
C PRO K 19 33.25 -5.75 29.82
N CYS K 20 32.61 -5.67 28.65
CA CYS K 20 31.51 -4.74 28.42
C CYS K 20 30.51 -4.86 29.58
N PHE K 21 29.82 -6.00 29.64
CA PHE K 21 28.80 -6.28 30.65
C PHE K 21 29.20 -6.43 32.11
N GLN K 22 30.49 -6.54 32.38
CA GLN K 22 30.96 -6.74 33.76
C GLN K 22 30.34 -5.89 34.86
N ASN K 23 30.13 -4.60 34.60
CA ASN K 23 29.58 -3.70 35.61
C ASN K 23 28.11 -3.44 35.37
N TYR K 24 27.64 -3.82 34.19
CA TYR K 24 26.27 -3.62 33.80
C TYR K 24 25.43 -4.87 33.97
N ILE K 25 25.70 -5.62 35.03
CA ILE K 25 24.96 -6.83 35.29
C ILE K 25 25.06 -7.14 36.79
N ALA K 26 24.30 -8.11 37.27
CA ALA K 26 24.29 -8.43 38.69
C ALA K 26 24.91 -9.73 39.22
N CYS K 27 24.94 -10.79 38.41
CA CYS K 27 25.51 -12.06 38.88
C CYS K 27 26.75 -11.90 39.76
N THR K 28 27.67 -11.03 39.34
CA THR K 28 28.96 -10.78 40.00
C THR K 28 29.11 -10.36 41.49
N THR K 29 28.10 -9.69 42.06
CA THR K 29 28.19 -9.21 43.45
C THR K 29 27.80 -10.14 44.58
N THR K 30 28.35 -9.86 45.76
CA THR K 30 28.07 -10.62 46.98
C THR K 30 26.65 -10.28 47.38
N LYS K 31 26.31 -9.02 47.21
CA LYS K 31 25.01 -8.51 47.57
C LYS K 31 23.97 -9.03 46.60
N SER K 32 24.41 -9.34 45.37
CA SER K 32 23.53 -9.84 44.32
C SER K 32 23.03 -11.28 44.53
N GLN K 33 23.85 -12.09 45.19
CA GLN K 33 23.51 -13.49 45.44
C GLN K 33 22.26 -13.58 46.31
N VAL K 34 21.08 -13.53 45.71
CA VAL K 34 19.86 -13.58 46.51
C VAL K 34 19.08 -14.86 46.31
N PHE K 35 18.33 -15.26 47.35
CA PHE K 35 17.51 -16.44 47.26
C PHE K 35 16.28 -16.07 46.44
N VAL K 36 15.70 -14.93 46.80
CA VAL K 36 14.50 -14.45 46.13
C VAL K 36 14.80 -13.21 45.29
N PRO K 37 14.16 -13.10 44.12
CA PRO K 37 14.35 -11.97 43.20
C PRO K 37 13.56 -10.73 43.63
N HIS K 38 13.04 -10.76 44.85
CA HIS K 38 12.27 -9.64 45.38
C HIS K 38 13.08 -8.86 46.38
N THR K 39 13.32 -7.58 46.08
CA THR K 39 14.11 -6.78 47.00
C THR K 39 13.44 -5.48 47.34
N ALA K 40 12.36 -5.16 46.61
CA ALA K 40 11.63 -3.92 46.84
C ALA K 40 12.71 -2.86 47.00
N GLY K 41 13.83 -3.12 46.32
CA GLY K 41 14.96 -2.23 46.37
C GLY K 41 14.57 -0.82 46.03
N ARG K 42 15.55 0.06 46.01
CA ARG K 42 15.31 1.45 45.71
C ARG K 42 16.08 1.89 44.48
N TYR K 43 16.24 0.98 43.52
CA TYR K 43 16.95 1.28 42.29
C TYR K 43 16.15 2.35 41.59
N GLN K 44 16.60 2.78 40.42
CA GLN K 44 15.85 3.78 39.68
C GLN K 44 15.76 5.12 40.42
N VAL K 45 16.69 5.36 41.35
CA VAL K 45 16.67 6.60 42.11
C VAL K 45 17.75 7.58 41.64
N LYS K 46 19.02 7.18 41.72
CA LYS K 46 20.10 8.04 41.21
C LYS K 46 20.00 7.83 39.70
N LYS K 47 20.98 8.27 38.93
CA LYS K 47 20.91 8.10 37.49
C LYS K 47 21.84 7.00 36.98
N PHE K 48 21.67 5.81 37.54
CA PHE K 48 22.47 4.64 37.18
C PHE K 48 22.31 3.53 38.23
N ARG K 49 21.38 3.74 39.16
CA ARG K 49 21.14 2.76 40.22
C ARG K 49 20.74 1.45 39.61
N LYS K 50 19.84 1.51 38.63
CA LYS K 50 19.38 0.33 37.92
C LYS K 50 20.42 -0.78 37.82
N THR K 51 21.69 -0.38 37.69
CA THR K 51 22.81 -1.32 37.59
C THR K 51 22.77 -2.39 38.66
N GLN K 52 22.93 -1.95 39.91
CA GLN K 52 22.95 -2.80 41.09
C GLN K 52 21.75 -3.72 41.27
N CYS K 53 20.92 -3.86 40.25
CA CYS K 53 19.76 -4.72 40.37
C CYS K 53 20.03 -6.15 39.92
N PRO K 54 19.79 -7.11 40.82
CA PRO K 54 20.00 -8.54 40.54
C PRO K 54 19.27 -8.91 39.24
N ILE K 55 20.05 -8.97 38.17
CA ILE K 55 19.55 -9.27 36.82
C ILE K 55 18.15 -9.86 36.74
N VAL K 56 17.83 -10.86 37.54
CA VAL K 56 16.50 -11.44 37.44
C VAL K 56 15.40 -10.55 37.99
N GLU K 57 15.70 -9.73 38.99
CA GLU K 57 14.71 -8.82 39.55
C GLU K 57 14.24 -7.98 38.37
N ARG K 58 15.20 -7.61 37.53
CA ARG K 58 14.96 -6.80 36.33
C ARG K 58 14.04 -7.52 35.34
N LEU K 59 14.28 -8.82 35.22
CA LEU K 59 13.52 -9.66 34.32
C LEU K 59 12.09 -9.70 34.82
N ILE K 60 11.93 -9.92 36.11
CA ILE K 60 10.60 -10.00 36.68
C ILE K 60 9.91 -8.67 36.44
N GLY K 61 10.61 -7.57 36.73
CA GLY K 61 10.00 -6.28 36.51
C GLY K 61 9.47 -6.12 35.10
N THR K 62 10.38 -6.22 34.13
CA THR K 62 10.04 -6.06 32.72
C THR K 62 8.93 -7.01 32.29
N LEU K 63 8.76 -8.06 33.07
CA LEU K 63 7.78 -9.11 32.82
C LEU K 63 6.31 -8.82 33.21
N MET K 64 6.12 -8.11 34.31
CA MET K 64 4.78 -7.79 34.78
C MET K 64 4.34 -6.51 34.12
N PHE K 65 4.70 -6.36 32.86
CA PHE K 65 4.38 -5.10 32.25
C PHE K 65 3.15 -4.86 31.44
N HIS K 66 2.27 -5.82 31.23
CA HIS K 66 1.10 -5.45 30.46
C HIS K 66 -0.04 -5.02 31.34
N GLY K 67 -0.49 -3.79 31.08
CA GLY K 67 -1.56 -3.14 31.81
C GLY K 67 -2.35 -3.93 32.85
N ARG K 68 -3.65 -3.98 32.60
CA ARG K 68 -4.60 -4.64 33.45
C ARG K 68 -4.03 -5.95 34.03
N ASN K 69 -3.70 -6.92 33.18
CA ASN K 69 -3.15 -8.20 33.64
C ASN K 69 -2.04 -8.04 34.70
N ALA K 70 -1.13 -7.09 34.47
CA ALA K 70 0.02 -6.90 35.35
C ALA K 70 0.04 -5.80 36.40
N GLY K 71 1.19 -5.69 37.06
CA GLY K 71 1.41 -4.73 38.12
C GLY K 71 1.60 -5.45 39.46
N LYS K 72 1.73 -6.77 39.42
CA LYS K 72 1.89 -7.59 40.64
C LYS K 72 3.07 -8.55 40.61
N LYS K 73 4.22 -8.08 41.09
CA LYS K 73 5.47 -8.85 41.14
C LYS K 73 5.30 -10.21 41.79
N ALA K 74 4.46 -10.26 42.82
CA ALA K 74 4.21 -11.50 43.54
C ALA K 74 4.26 -12.68 42.55
N LEU K 75 3.28 -12.69 41.66
CA LEU K 75 3.15 -13.73 40.65
C LEU K 75 4.35 -13.83 39.74
N CYS K 76 4.71 -12.71 39.12
CA CYS K 76 5.82 -12.70 38.19
C CYS K 76 7.06 -13.38 38.69
N ILE K 77 7.32 -13.33 39.99
CA ILE K 77 8.48 -14.01 40.52
C ILE K 77 8.34 -15.49 40.19
N LYS K 78 7.09 -15.97 40.18
CA LYS K 78 6.76 -17.38 39.87
C LYS K 78 7.03 -17.73 38.42
N VAL K 79 6.32 -17.05 37.54
CA VAL K 79 6.48 -17.27 36.12
C VAL K 79 7.96 -17.36 35.76
N VAL K 80 8.80 -16.62 36.47
CA VAL K 80 10.22 -16.66 36.22
C VAL K 80 10.89 -17.88 36.88
N LYS K 81 10.38 -18.33 38.02
CA LYS K 81 10.98 -19.48 38.69
C LYS K 81 10.71 -20.76 37.93
N ASN K 82 9.45 -20.96 37.57
CA ASN K 82 9.06 -22.14 36.81
C ASN K 82 9.84 -22.18 35.51
N ALA K 83 9.92 -21.03 34.86
CA ALA K 83 10.64 -20.90 33.61
C ALA K 83 12.09 -21.36 33.77
N PHE K 84 12.68 -21.11 34.93
CA PHE K 84 14.08 -21.52 35.19
C PHE K 84 14.20 -23.03 35.39
N GLU K 85 13.18 -23.62 36.01
CA GLU K 85 13.13 -25.06 36.25
C GLU K 85 13.08 -25.71 34.88
N ILE K 86 12.15 -25.21 34.06
CA ILE K 86 11.92 -25.67 32.71
C ILE K 86 13.11 -25.53 31.76
N ILE K 87 13.88 -24.45 31.92
CA ILE K 87 15.06 -24.25 31.08
C ILE K 87 16.11 -25.27 31.51
N HIS K 88 16.14 -25.58 32.80
CA HIS K 88 17.08 -26.56 33.32
C HIS K 88 16.76 -27.97 32.83
N LEU K 89 15.50 -28.36 32.92
CA LEU K 89 15.11 -29.67 32.48
C LEU K 89 15.40 -29.93 31.01
N VAL K 90 15.83 -28.91 30.28
CA VAL K 90 16.16 -29.09 28.86
C VAL K 90 17.65 -29.08 28.53
N THR K 91 18.39 -28.19 29.17
CA THR K 91 19.83 -28.12 28.96
C THR K 91 20.53 -28.31 30.29
N GLY K 92 19.75 -28.70 31.28
CA GLY K 92 20.27 -28.95 32.61
C GLY K 92 21.41 -28.06 33.07
N ARG K 93 21.52 -26.89 32.45
CA ARG K 93 22.57 -25.96 32.82
C ARG K 93 22.08 -24.97 33.86
N ASN K 94 23.01 -24.30 34.53
CA ASN K 94 22.65 -23.32 35.53
C ASN K 94 21.91 -22.25 34.73
N PRO K 95 20.56 -22.34 34.70
CA PRO K 95 19.71 -21.40 33.96
C PRO K 95 20.05 -19.91 34.04
N LEU K 96 20.99 -19.53 34.91
CA LEU K 96 21.38 -18.12 35.01
C LEU K 96 22.45 -17.97 33.96
N GLU K 97 23.23 -19.03 33.81
CA GLU K 97 24.31 -19.10 32.85
C GLU K 97 23.72 -19.29 31.46
N VAL K 98 22.41 -19.14 31.38
CA VAL K 98 21.67 -19.27 30.14
C VAL K 98 21.04 -17.92 29.90
N PHE K 99 20.20 -17.53 30.86
CA PHE K 99 19.51 -16.25 30.82
C PHE K 99 20.56 -15.18 30.61
N VAL K 100 21.67 -15.30 31.32
CA VAL K 100 22.78 -14.38 31.22
C VAL K 100 23.30 -14.27 29.80
N GLY K 101 23.64 -15.40 29.20
CA GLY K 101 24.12 -15.37 27.84
C GLY K 101 23.09 -14.66 26.97
N ALA K 102 21.84 -15.11 27.06
CA ALA K 102 20.76 -14.53 26.27
C ALA K 102 20.75 -13.00 26.38
N VAL K 103 20.93 -12.50 27.60
CA VAL K 103 20.97 -11.06 27.82
C VAL K 103 22.10 -10.44 26.99
N GLN K 104 23.27 -11.09 26.99
CA GLN K 104 24.40 -10.58 26.23
C GLN K 104 24.19 -10.60 24.71
N ASN K 105 23.47 -11.60 24.22
CA ASN K 105 23.22 -11.74 22.79
C ASN K 105 22.09 -10.87 22.25
N ALA K 106 20.92 -10.93 22.87
CA ALA K 106 19.75 -10.17 22.41
C ALA K 106 19.85 -8.64 22.42
N GLY K 107 20.99 -8.09 22.82
CA GLY K 107 21.14 -6.64 22.84
C GLY K 107 21.79 -6.07 21.59
N PRO K 108 21.04 -5.33 20.74
CA PRO K 108 21.56 -4.72 19.50
C PRO K 108 22.78 -3.89 19.79
N ARG K 109 23.77 -3.96 18.91
CA ARG K 109 25.01 -3.21 19.08
C ARG K 109 24.95 -1.93 18.27
N GLU K 110 23.94 -1.80 17.44
CA GLU K 110 23.82 -0.63 16.58
C GLU K 110 22.36 -0.25 16.33
N ASP K 111 22.11 1.06 16.28
CA ASP K 111 20.77 1.60 16.04
C ASP K 111 20.89 2.85 15.18
N SER K 112 19.77 3.31 14.62
CA SER K 112 19.76 4.50 13.80
C SER K 112 18.99 5.64 14.48
N THR K 113 19.56 6.84 14.52
CA THR K 113 18.87 7.95 15.15
C THR K 113 18.09 8.70 14.10
N ARG K 114 16.79 8.83 14.33
CA ARG K 114 15.97 9.52 13.38
C ARG K 114 16.23 11.02 13.51
N ILE K 115 16.82 11.59 12.47
CA ILE K 115 17.14 13.02 12.40
C ILE K 115 16.56 13.54 11.07
N GLY K 116 15.34 14.08 11.12
CA GLY K 116 14.66 14.59 9.94
C GLY K 116 14.79 16.09 9.75
N THR K 117 15.01 16.51 8.50
CA THR K 117 15.15 17.91 8.17
C THR K 117 14.16 18.39 7.11
N ALA K 118 13.12 19.09 7.56
CA ALA K 118 12.08 19.64 6.69
C ALA K 118 11.27 18.61 5.92
N GLY K 119 10.77 17.59 6.62
CA GLY K 119 9.97 16.56 5.97
C GLY K 119 10.72 15.26 5.67
N VAL K 120 11.94 15.38 5.17
CA VAL K 120 12.76 14.22 4.84
C VAL K 120 13.22 13.53 6.14
N VAL K 121 13.06 12.20 6.20
CA VAL K 121 13.44 11.42 7.37
C VAL K 121 14.77 10.70 7.17
N ARG K 122 15.85 11.33 7.59
CA ARG K 122 17.20 10.77 7.47
C ARG K 122 17.58 10.03 8.74
N LYS K 123 18.65 9.23 8.67
CA LYS K 123 19.13 8.49 9.84
C LYS K 123 20.66 8.40 9.81
N GLN K 124 21.25 8.09 10.96
CA GLN K 124 22.69 8.00 11.05
C GLN K 124 23.12 6.74 11.77
N ALA K 125 24.43 6.49 11.76
CA ALA K 125 24.98 5.32 12.42
C ALA K 125 25.24 5.62 13.89
N VAL K 126 24.65 4.81 14.76
CA VAL K 126 24.81 5.01 16.18
C VAL K 126 25.18 3.71 16.86
N ASP K 127 26.13 3.79 17.78
CA ASP K 127 26.58 2.61 18.50
C ASP K 127 25.82 2.56 19.80
N VAL K 128 25.16 1.43 20.06
CA VAL K 128 24.34 1.27 21.26
C VAL K 128 25.14 0.99 22.53
N ALA K 129 24.86 1.79 23.54
CA ALA K 129 25.51 1.69 24.85
C ALA K 129 25.30 0.36 25.55
N PRO K 130 26.04 0.14 26.66
CA PRO K 130 25.88 -1.11 27.40
C PRO K 130 24.58 -1.18 28.21
N MET K 131 24.39 -0.21 29.10
CA MET K 131 23.18 -0.20 29.93
C MET K 131 21.99 -0.32 29.01
N ARG K 132 22.03 0.45 27.92
CA ARG K 132 20.95 0.46 26.94
C ARG K 132 20.82 -0.90 26.28
N ARG K 133 21.97 -1.52 26.08
CA ARG K 133 22.05 -2.80 25.41
C ARG K 133 21.34 -3.89 26.21
N VAL K 134 21.63 -3.95 27.51
CA VAL K 134 21.02 -4.95 28.37
C VAL K 134 19.52 -4.69 28.46
N ASN K 135 19.17 -3.44 28.71
CA ASN K 135 17.79 -3.03 28.82
C ASN K 135 17.01 -3.52 27.61
N LEU K 136 17.56 -3.24 26.43
CA LEU K 136 16.92 -3.65 25.19
C LEU K 136 16.81 -5.15 25.14
N ALA K 137 17.88 -5.82 25.54
CA ALA K 137 17.89 -7.27 25.50
C ALA K 137 16.73 -7.89 26.27
N ILE K 138 16.56 -7.49 27.52
CA ILE K 138 15.49 -8.05 28.36
C ILE K 138 14.14 -7.63 27.84
N TYR K 139 13.99 -6.32 27.67
CA TYR K 139 12.75 -5.77 27.18
C TYR K 139 12.35 -6.65 25.99
N PHE K 140 13.28 -6.84 25.05
CA PHE K 140 13.02 -7.63 23.87
C PHE K 140 12.57 -9.05 24.14
N ILE K 141 13.37 -9.75 24.94
CA ILE K 141 13.10 -11.13 25.28
C ILE K 141 11.66 -11.29 25.72
N ILE K 142 11.35 -10.60 26.79
CA ILE K 142 10.02 -10.67 27.34
C ILE K 142 9.00 -10.22 26.31
N LYS K 143 9.28 -9.12 25.63
CA LYS K 143 8.37 -8.58 24.64
C LYS K 143 7.79 -9.73 23.84
N GLY K 144 8.67 -10.55 23.30
CA GLY K 144 8.23 -11.67 22.51
C GLY K 144 7.34 -12.67 23.21
N CYS K 145 7.74 -13.11 24.40
CA CYS K 145 6.97 -14.13 25.11
C CYS K 145 5.47 -13.91 24.98
N ARG K 146 5.03 -12.72 25.32
CA ARG K 146 3.62 -12.40 25.25
C ARG K 146 3.10 -12.60 23.84
N GLU K 147 3.94 -12.31 22.85
CA GLU K 147 3.53 -12.45 21.45
C GLU K 147 2.76 -13.74 21.21
N SER K 148 3.42 -14.86 21.44
CA SER K 148 2.78 -16.15 21.22
C SER K 148 1.87 -16.47 22.40
N ALA K 149 2.40 -16.26 23.59
CA ALA K 149 1.74 -16.55 24.84
C ALA K 149 0.26 -16.22 24.92
N PHE K 150 -0.21 -15.30 24.08
CA PHE K 150 -1.60 -14.90 24.11
C PHE K 150 -2.60 -16.04 24.14
N LYS K 151 -3.45 -16.09 23.13
CA LYS K 151 -4.47 -17.13 23.05
C LYS K 151 -3.85 -18.52 22.91
N SER K 152 -2.84 -18.80 23.71
CA SER K 152 -2.16 -20.08 23.69
C SER K 152 -2.13 -20.75 25.05
N MET K 153 -2.22 -22.07 25.01
CA MET K 153 -2.18 -22.89 26.21
C MET K 153 -0.74 -22.96 26.65
N ARG K 154 0.13 -22.44 25.79
CA ARG K 154 1.55 -22.37 26.12
C ARG K 154 1.55 -21.29 27.21
N SER K 155 2.32 -21.50 28.28
CA SER K 155 2.37 -20.53 29.38
C SER K 155 3.60 -19.67 29.35
N ILE K 156 3.52 -18.49 29.95
CA ILE K 156 4.67 -17.58 29.97
C ILE K 156 5.92 -18.28 30.49
N ALA K 157 5.78 -19.04 31.58
CA ALA K 157 6.92 -19.75 32.17
C ALA K 157 7.50 -20.72 31.15
N GLU K 158 6.70 -21.00 30.12
CA GLU K 158 7.06 -21.91 29.06
C GLU K 158 7.56 -21.06 27.89
N THR K 159 6.75 -20.10 27.46
CA THR K 159 7.11 -19.23 26.36
C THR K 159 8.46 -18.62 26.68
N LEU K 160 8.55 -18.01 27.85
CA LEU K 160 9.77 -17.37 28.33
C LEU K 160 10.92 -18.35 28.36
N ALA K 161 10.66 -19.52 28.94
CA ALA K 161 11.69 -20.53 29.01
C ALA K 161 12.22 -20.77 27.60
N ASP K 162 11.32 -21.17 26.71
CA ASP K 162 11.66 -21.47 25.31
C ASP K 162 12.42 -20.31 24.66
N GLU K 163 12.16 -19.10 25.12
CA GLU K 163 12.80 -17.93 24.57
C GLU K 163 14.23 -17.78 25.05
N ILE K 164 14.42 -17.69 26.36
CA ILE K 164 15.74 -17.52 26.95
C ILE K 164 16.78 -18.49 26.38
N ILE K 165 16.32 -19.65 25.95
CA ILE K 165 17.17 -20.69 25.38
C ILE K 165 17.74 -20.35 24.00
N ASN K 166 16.83 -20.08 23.07
CA ASN K 166 17.17 -19.73 21.69
C ASN K 166 17.84 -18.38 21.65
N ALA K 167 17.47 -17.51 22.59
CA ALA K 167 18.04 -16.17 22.69
C ALA K 167 19.52 -16.28 23.00
N GLU K 168 19.90 -17.37 23.65
CA GLU K 168 21.30 -17.59 23.97
C GLU K 168 22.01 -18.16 22.75
N LYS K 169 21.28 -18.99 22.01
CA LYS K 169 21.77 -19.65 20.80
C LYS K 169 22.03 -18.72 19.61
N ASN K 170 21.26 -17.65 19.49
CA ASN K 170 21.36 -16.70 18.40
C ASN K 170 20.54 -17.22 17.23
N ASN K 171 19.73 -18.22 17.53
CA ASN K 171 18.86 -18.88 16.58
C ASN K 171 17.89 -17.85 15.99
N THR K 172 18.28 -17.23 14.88
CA THR K 172 17.47 -16.19 14.25
C THR K 172 16.07 -16.60 13.76
N GLN K 173 15.72 -17.86 13.96
CA GLN K 173 14.40 -18.34 13.55
C GLN K 173 13.53 -18.71 14.73
N SER K 174 14.11 -18.67 15.93
CA SER K 174 13.38 -19.01 17.14
C SER K 174 13.65 -18.03 18.29
N SER K 175 13.31 -16.76 18.08
CA SER K 175 13.48 -15.74 19.11
C SER K 175 13.07 -14.37 18.59
N TRP K 176 11.80 -14.06 18.73
CA TRP K 176 11.27 -12.78 18.30
C TRP K 176 12.27 -11.73 18.77
N ALA K 177 12.97 -12.06 19.84
CA ALA K 177 13.97 -11.18 20.41
C ALA K 177 15.11 -10.92 19.44
N ILE K 178 15.88 -11.95 19.16
CA ILE K 178 17.00 -11.80 18.27
C ILE K 178 16.64 -11.40 16.84
N ARG K 179 15.38 -11.58 16.44
CA ARG K 179 15.00 -11.16 15.11
C ARG K 179 15.28 -9.67 14.96
N LYS K 180 14.73 -8.87 15.88
CA LYS K 180 14.93 -7.44 15.86
C LYS K 180 16.41 -7.18 16.07
N LYS K 181 17.00 -7.87 17.06
CA LYS K 181 18.42 -7.71 17.37
C LYS K 181 19.21 -7.66 16.06
N ASP K 182 18.87 -8.54 15.13
CA ASP K 182 19.54 -8.58 13.82
C ASP K 182 19.04 -7.47 12.91
N GLU K 183 17.72 -7.41 12.71
CA GLU K 183 17.10 -6.40 11.84
C GLU K 183 17.47 -4.96 12.19
N ILE K 184 17.40 -4.63 13.48
CA ILE K 184 17.74 -3.29 13.95
C ILE K 184 19.16 -2.94 13.51
N GLU K 185 20.05 -3.91 13.61
CA GLU K 185 21.43 -3.70 13.19
C GLU K 185 21.47 -3.59 11.67
N LYS K 186 20.78 -4.51 10.99
CA LYS K 186 20.72 -4.53 9.53
C LYS K 186 20.19 -3.23 8.96
N VAL K 187 18.97 -2.88 9.33
CA VAL K 187 18.36 -1.65 8.85
C VAL K 187 19.30 -0.53 9.23
N ALA K 188 19.77 -0.56 10.47
CA ALA K 188 20.69 0.46 10.95
C ALA K 188 21.95 0.47 10.12
N LYS K 189 22.41 -0.71 9.70
CA LYS K 189 23.62 -0.78 8.88
C LYS K 189 23.35 -0.23 7.48
N GLY K 190 22.07 -0.07 7.16
CA GLY K 190 21.70 0.48 5.88
C GLY K 190 21.67 2.01 5.97
N ASN K 191 20.97 2.53 6.97
CA ASN K 191 20.85 3.98 7.20
C ASN K 191 22.20 4.63 7.45
N ARG K 192 23.11 3.88 8.07
CA ARG K 192 24.44 4.39 8.37
C ARG K 192 25.17 4.87 7.14
N GLU L 1 50.07 -20.37 -11.09
CA GLU L 1 49.67 -19.20 -10.25
C GLU L 1 49.21 -18.01 -11.09
N VAL L 2 49.18 -16.85 -10.45
CA VAL L 2 48.75 -15.60 -11.07
C VAL L 2 49.73 -15.09 -12.14
N ILE L 3 49.19 -14.42 -13.16
CA ILE L 3 50.00 -13.87 -14.24
C ILE L 3 49.92 -12.32 -14.22
N SER L 4 50.53 -11.70 -13.21
CA SER L 4 50.52 -10.24 -13.07
C SER L 4 51.02 -9.58 -14.34
N TYR L 5 50.85 -8.27 -14.45
CA TYR L 5 51.32 -7.55 -15.63
C TYR L 5 52.18 -6.34 -15.33
N GLY L 6 52.38 -6.01 -14.05
CA GLY L 6 53.21 -4.88 -13.73
C GLY L 6 54.55 -5.20 -14.34
N PRO L 7 55.35 -4.20 -14.74
CA PRO L 7 56.65 -4.52 -15.34
C PRO L 7 57.39 -5.61 -14.57
N PRO L 8 58.27 -6.36 -15.25
CA PRO L 8 59.04 -7.43 -14.61
C PRO L 8 60.08 -6.94 -13.59
N ASN L 9 59.61 -6.41 -12.46
CA ASN L 9 60.52 -5.89 -11.44
C ASN L 9 59.87 -5.80 -10.06
N VAL L 10 60.25 -6.69 -9.14
CA VAL L 10 59.68 -6.67 -7.78
C VAL L 10 60.70 -6.03 -6.83
N GLY L 11 60.54 -6.27 -5.53
CA GLY L 11 61.45 -5.71 -4.55
C GLY L 11 60.73 -4.93 -3.48
N ALA L 12 60.69 -5.46 -2.27
CA ALA L 12 60.00 -4.80 -1.15
C ALA L 12 60.70 -3.50 -0.78
N ASN L 13 61.55 -3.00 -1.68
CA ASN L 13 62.27 -1.74 -1.51
C ASN L 13 62.36 -1.01 -2.84
N GLU L 14 61.51 -1.43 -3.77
CA GLU L 14 61.44 -0.85 -5.09
C GLU L 14 60.00 -0.34 -5.24
N ASN L 15 59.82 0.97 -5.16
CA ASN L 15 58.49 1.57 -5.25
C ASN L 15 57.93 1.67 -6.67
N VAL L 16 56.64 1.37 -6.80
CA VAL L 16 55.96 1.46 -8.08
C VAL L 16 55.11 2.71 -8.02
N PHE L 17 55.01 3.45 -9.12
CA PHE L 17 54.20 4.66 -9.07
C PHE L 17 53.02 4.71 -10.02
N GLY L 18 51.88 5.09 -9.47
CA GLY L 18 50.67 5.20 -10.26
C GLY L 18 50.01 6.53 -9.94
N VAL L 19 49.72 7.32 -10.97
CA VAL L 19 49.09 8.63 -10.78
C VAL L 19 47.56 8.58 -10.67
N CYS L 20 47.06 8.77 -9.46
CA CYS L 20 45.63 8.73 -9.17
C CYS L 20 44.94 10.09 -9.23
N HIS L 21 44.08 10.24 -10.23
CA HIS L 21 43.32 11.46 -10.44
C HIS L 21 42.02 11.30 -9.65
N ILE L 22 41.61 12.35 -8.92
CA ILE L 22 40.36 12.29 -8.15
C ILE L 22 39.55 13.58 -8.27
N MET L 23 38.42 13.49 -8.96
CA MET L 23 37.54 14.64 -9.15
C MET L 23 36.35 14.46 -8.20
N ALA L 24 36.14 15.40 -7.29
CA ALA L 24 35.03 15.28 -6.33
C ALA L 24 33.92 16.35 -6.45
N THR L 25 32.87 16.03 -7.21
CA THR L 25 31.75 16.95 -7.41
C THR L 25 30.78 16.75 -6.27
N TRP L 26 29.73 17.56 -6.24
CA TRP L 26 28.72 17.48 -5.20
C TRP L 26 27.58 16.58 -5.69
N ASN L 27 27.86 15.85 -6.76
CA ASN L 27 26.89 14.94 -7.33
C ASN L 27 27.54 13.58 -7.47
N ASP L 28 28.67 13.57 -8.16
CA ASP L 28 29.40 12.33 -8.43
C ASP L 28 30.87 12.45 -8.03
N THR L 29 31.53 11.31 -7.82
CA THR L 29 32.96 11.27 -7.48
C THR L 29 33.67 10.31 -8.44
N PHE L 30 34.91 10.64 -8.78
CA PHE L 30 35.71 9.81 -9.68
C PHE L 30 37.01 9.45 -9.02
N ILE L 31 37.53 8.28 -9.38
CA ILE L 31 38.84 7.85 -8.91
C ILE L 31 39.50 7.15 -10.09
N HIS L 32 40.60 7.72 -10.53
CA HIS L 32 41.31 7.21 -11.69
C HIS L 32 42.76 6.94 -11.36
N VAL L 33 43.34 5.95 -12.02
CA VAL L 33 44.75 5.60 -11.83
C VAL L 33 45.37 5.43 -13.20
N THR L 34 46.56 5.99 -13.38
CA THR L 34 47.20 5.90 -14.66
C THR L 34 48.70 6.09 -14.63
N ASP L 35 49.38 5.67 -15.70
CA ASP L 35 50.82 5.83 -15.82
C ASP L 35 51.16 7.24 -15.43
N LEU L 36 52.40 7.46 -15.03
CA LEU L 36 52.83 8.78 -14.58
C LEU L 36 52.92 9.74 -15.77
N SER L 37 52.37 9.29 -16.91
CA SER L 37 52.36 10.07 -18.13
C SER L 37 50.91 10.34 -18.42
N GLY L 38 50.06 9.58 -17.73
CA GLY L 38 48.62 9.72 -17.87
C GLY L 38 48.06 9.58 -19.27
N ARG L 39 48.53 8.60 -20.04
CA ARG L 39 47.98 8.43 -21.39
C ARG L 39 47.44 7.02 -21.60
N GLU L 40 47.56 6.19 -20.57
CA GLU L 40 47.07 4.80 -20.58
C GLU L 40 46.30 4.50 -19.28
N THR L 41 44.99 4.44 -19.40
CA THR L 41 44.11 4.19 -18.27
C THR L 41 44.19 2.78 -17.72
N LEU L 42 44.19 2.66 -16.39
CA LEU L 42 44.23 1.37 -15.74
C LEU L 42 42.92 1.14 -15.00
N VAL L 43 42.86 1.71 -13.80
CA VAL L 43 41.70 1.59 -12.92
C VAL L 43 40.80 2.84 -12.97
N ARG L 44 39.49 2.60 -12.98
CA ARG L 44 38.50 3.67 -13.03
C ARG L 44 37.23 3.34 -12.22
N VAL L 45 37.14 3.83 -10.98
CA VAL L 45 35.97 3.55 -10.16
C VAL L 45 35.24 4.81 -9.69
N THR L 46 33.97 4.92 -10.06
CA THR L 46 33.14 6.08 -9.69
C THR L 46 31.99 5.68 -8.76
N GLY L 47 31.61 6.60 -7.88
CA GLY L 47 30.54 6.33 -6.95
C GLY L 47 29.31 5.70 -7.58
N GLY L 48 29.03 6.05 -8.83
CA GLY L 48 27.87 5.51 -9.51
C GLY L 48 27.90 4.00 -9.63
N MET L 49 29.09 3.46 -9.88
CA MET L 49 29.30 2.03 -10.00
C MET L 49 29.16 1.40 -8.62
N LYS L 50 29.07 2.25 -7.59
CA LYS L 50 28.97 1.75 -6.23
C LYS L 50 27.63 1.79 -5.50
N VAL L 51 26.64 2.55 -6.00
CA VAL L 51 25.34 2.57 -5.32
C VAL L 51 24.15 2.69 -6.28
N LYS L 52 22.94 2.57 -5.72
CA LYS L 52 21.71 2.61 -6.48
C LYS L 52 21.04 3.99 -6.64
N ALA L 53 20.91 4.72 -5.54
CA ALA L 53 20.28 6.04 -5.58
C ALA L 53 21.16 7.15 -6.15
N ASP L 54 20.66 7.83 -7.18
CA ASP L 54 21.40 8.92 -7.84
C ASP L 54 21.93 9.98 -6.88
N ARG L 55 21.31 10.11 -5.72
CA ARG L 55 21.74 11.10 -4.75
C ARG L 55 23.00 10.65 -4.05
N GLU L 56 23.12 9.34 -3.93
CA GLU L 56 24.28 8.77 -3.26
C GLU L 56 25.44 8.65 -4.23
N GLU L 57 25.24 9.07 -5.48
CA GLU L 57 26.33 8.95 -6.45
C GLU L 57 27.58 9.74 -6.02
N SER L 58 27.46 10.42 -4.88
CA SER L 58 28.56 11.21 -4.30
C SER L 58 29.08 10.41 -3.11
N SER L 59 28.34 10.52 -2.00
CA SER L 59 28.59 9.82 -0.74
C SER L 59 30.01 9.55 -0.25
N PRO L 60 30.16 9.36 1.06
CA PRO L 60 31.45 9.07 1.68
C PRO L 60 31.59 7.57 1.50
N TYR L 61 30.47 6.88 1.60
CA TYR L 61 30.42 5.43 1.43
C TYR L 61 30.88 5.03 0.02
N ALA L 62 30.29 5.66 -1.00
CA ALA L 62 30.64 5.37 -2.39
C ALA L 62 32.13 5.58 -2.64
N ALA L 63 32.72 6.49 -1.87
CA ALA L 63 34.13 6.81 -1.99
C ALA L 63 35.00 5.72 -1.38
N MET L 64 34.50 5.11 -0.31
CA MET L 64 35.21 4.03 0.37
C MET L 64 35.31 2.84 -0.57
N GLN L 65 34.14 2.39 -1.05
CA GLN L 65 34.05 1.23 -1.93
C GLN L 65 34.78 1.40 -3.25
N ALA L 66 34.62 2.56 -3.87
CA ALA L 66 35.29 2.85 -5.14
C ALA L 66 36.79 2.94 -4.90
N ALA L 67 37.15 3.33 -3.68
CA ALA L 67 38.55 3.47 -3.28
C ALA L 67 39.19 2.13 -3.00
N ILE L 68 38.58 1.36 -2.11
CA ILE L 68 39.10 0.05 -1.76
C ILE L 68 39.04 -0.86 -2.98
N ASP L 69 38.05 -0.65 -3.84
CA ASP L 69 37.92 -1.47 -5.05
C ASP L 69 39.16 -1.30 -5.94
N VAL L 70 39.70 -0.09 -6.00
CA VAL L 70 40.88 0.21 -6.81
C VAL L 70 42.17 -0.36 -6.22
N VAL L 71 42.35 -0.23 -4.92
CA VAL L 71 43.55 -0.74 -4.26
C VAL L 71 43.74 -2.23 -4.55
N ASN L 72 42.67 -3.01 -4.44
CA ASN L 72 42.75 -4.44 -4.74
C ASN L 72 43.26 -4.61 -6.17
N ARG L 73 42.58 -3.96 -7.10
CA ARG L 73 42.96 -4.02 -8.51
C ARG L 73 44.41 -3.58 -8.70
N CYS L 74 44.88 -2.67 -7.86
CA CYS L 74 46.25 -2.16 -7.93
C CYS L 74 47.35 -3.10 -7.46
N LYS L 75 47.09 -3.87 -6.41
CA LYS L 75 48.09 -4.82 -5.91
C LYS L 75 48.37 -5.84 -7.02
N GLU L 76 47.38 -6.01 -7.89
CA GLU L 76 47.48 -6.93 -9.02
C GLU L 76 48.25 -6.33 -10.19
N LEU L 77 48.25 -5.00 -10.28
CA LEU L 77 48.99 -4.31 -11.32
C LEU L 77 50.43 -4.27 -10.83
N LYS L 78 50.59 -4.66 -9.56
CA LYS L 78 51.88 -4.69 -8.88
C LYS L 78 52.33 -3.29 -8.47
N ILE L 79 51.37 -2.36 -8.35
CA ILE L 79 51.65 -0.98 -7.97
C ILE L 79 51.23 -0.73 -6.52
N ASN L 80 52.12 -0.11 -5.76
CA ASN L 80 51.89 0.17 -4.35
C ASN L 80 51.81 1.67 -4.00
N ALA L 81 52.48 2.51 -4.79
CA ALA L 81 52.50 3.93 -4.54
C ALA L 81 51.67 4.70 -5.54
N LEU L 82 50.95 5.70 -5.04
CA LEU L 82 50.12 6.51 -5.90
C LEU L 82 50.28 8.03 -5.74
N HIS L 83 50.42 8.69 -6.87
CA HIS L 83 50.53 10.14 -6.93
C HIS L 83 49.10 10.61 -6.98
N ILE L 84 48.79 11.70 -6.29
CA ILE L 84 47.43 12.16 -6.31
C ILE L 84 47.29 13.51 -6.95
N LYS L 85 46.37 13.58 -7.91
CA LYS L 85 46.05 14.83 -8.58
C LYS L 85 44.59 15.00 -8.19
N LEU L 86 44.32 15.92 -7.28
CA LEU L 86 42.96 16.18 -6.81
C LEU L 86 42.39 17.42 -7.48
N ARG L 87 41.14 17.30 -7.91
CA ARG L 87 40.44 18.39 -8.59
C ARG L 87 39.00 18.48 -8.13
N ALA L 88 38.22 19.28 -8.83
CA ALA L 88 36.80 19.46 -8.53
C ALA L 88 36.24 20.45 -9.54
N LYS L 89 35.66 19.95 -10.62
CA LYS L 89 35.14 20.80 -11.68
C LYS L 89 35.47 22.27 -11.51
N GLY L 90 36.75 22.59 -11.57
CA GLY L 90 37.18 23.97 -11.40
C GLY L 90 36.46 24.93 -12.31
N GLY L 91 36.64 24.74 -13.61
CA GLY L 91 36.02 25.59 -14.61
C GLY L 91 35.47 26.87 -14.03
N VAL L 92 34.15 27.00 -14.07
CA VAL L 92 33.50 28.15 -13.54
C VAL L 92 32.59 27.65 -12.46
N GLU L 93 32.99 26.57 -11.79
CA GLU L 93 32.18 25.98 -10.73
C GLU L 93 32.88 25.95 -9.39
N THR L 94 32.10 25.81 -8.31
CA THR L 94 32.64 25.79 -6.96
C THR L 94 33.97 25.09 -6.95
N LYS L 95 35.03 25.88 -7.00
CA LYS L 95 36.39 25.40 -7.03
C LYS L 95 36.78 24.67 -5.74
N GLN L 96 35.77 24.27 -4.97
CA GLN L 96 35.96 23.57 -3.71
C GLN L 96 35.79 22.07 -3.90
N PRO L 97 36.67 21.25 -3.31
CA PRO L 97 36.55 19.81 -3.48
C PRO L 97 35.23 19.33 -2.94
N GLY L 98 34.70 18.28 -3.54
CA GLY L 98 33.43 17.73 -3.11
C GLY L 98 33.54 17.13 -1.72
N PRO L 99 32.72 16.12 -1.41
CA PRO L 99 32.74 15.47 -0.10
C PRO L 99 33.50 14.15 -0.19
N GLY L 100 33.24 13.44 -1.28
CA GLY L 100 33.87 12.16 -1.50
C GLY L 100 35.33 12.35 -1.84
N ALA L 101 35.89 13.46 -1.39
CA ALA L 101 37.29 13.74 -1.64
C ALA L 101 38.14 13.17 -0.51
N GLN L 102 38.11 13.83 0.64
CA GLN L 102 38.91 13.41 1.78
C GLN L 102 38.56 11.99 2.13
N SER L 103 37.43 11.52 1.61
CA SER L 103 36.97 10.17 1.87
C SER L 103 37.76 9.18 1.00
N ALA L 104 37.89 9.48 -0.29
CA ALA L 104 38.62 8.61 -1.21
C ALA L 104 40.05 8.43 -0.78
N LEU L 105 40.79 9.53 -0.65
CA LEU L 105 42.16 9.42 -0.21
C LEU L 105 42.21 8.52 1.01
N ARG L 106 41.59 8.95 2.10
CA ARG L 106 41.56 8.19 3.34
C ARG L 106 41.47 6.69 3.16
N ALA L 107 40.61 6.25 2.24
CA ALA L 107 40.40 4.83 1.95
C ALA L 107 41.63 4.16 1.31
N LEU L 108 42.32 4.88 0.45
CA LEU L 108 43.51 4.37 -0.22
C LEU L 108 44.63 4.19 0.78
N ALA L 109 44.77 5.13 1.69
CA ALA L 109 45.81 5.05 2.68
C ALA L 109 45.55 3.90 3.65
N ARG L 110 44.31 3.80 4.14
CA ARG L 110 43.98 2.75 5.09
C ARG L 110 44.18 1.37 4.47
N SER L 111 43.59 1.13 3.31
CA SER L 111 43.69 -0.18 2.65
C SER L 111 45.10 -0.49 2.15
N GLY L 112 46.10 0.09 2.83
CA GLY L 112 47.49 -0.15 2.50
C GLY L 112 48.19 0.98 1.78
N MET L 113 47.99 1.00 0.46
CA MET L 113 48.56 2.00 -0.44
C MET L 113 49.55 3.02 0.08
N LYS L 114 50.61 3.22 -0.68
CA LYS L 114 51.64 4.19 -0.36
C LYS L 114 51.23 5.42 -1.16
N ILE L 115 51.46 6.62 -0.60
CA ILE L 115 51.08 7.87 -1.26
C ILE L 115 52.23 8.79 -1.67
N GLY L 116 52.37 8.99 -2.98
CA GLY L 116 53.43 9.84 -3.50
C GLY L 116 53.16 11.30 -3.18
N ARG L 117 53.50 12.19 -4.10
CA ARG L 117 53.26 13.60 -3.89
C ARG L 117 51.77 13.85 -4.08
N ILE L 118 51.29 14.98 -3.57
CA ILE L 118 49.88 15.33 -3.68
C ILE L 118 49.69 16.73 -4.27
N GLU L 119 48.95 16.84 -5.37
CA GLU L 119 48.69 18.12 -6.02
C GLU L 119 47.22 18.45 -5.97
N ASP L 120 46.90 19.69 -6.29
CA ASP L 120 45.52 20.15 -6.35
C ASP L 120 45.47 20.65 -7.77
N VAL L 121 44.63 20.05 -8.61
CA VAL L 121 44.60 20.53 -9.98
C VAL L 121 43.22 20.93 -10.41
N THR L 122 42.57 21.75 -9.59
CA THR L 122 41.25 22.22 -9.95
C THR L 122 41.65 23.37 -10.86
N PRO L 123 41.22 23.32 -12.11
CA PRO L 123 41.54 24.35 -13.09
C PRO L 123 41.01 25.75 -12.80
N ILE L 124 41.80 26.59 -12.15
CA ILE L 124 41.34 27.95 -11.91
C ILE L 124 41.61 28.74 -13.17
N PRO L 125 40.60 29.49 -13.66
CA PRO L 125 40.73 30.29 -14.87
C PRO L 125 41.30 31.67 -14.58
N THR L 126 41.71 32.37 -15.62
CA THR L 126 42.24 33.72 -15.45
C THR L 126 41.03 34.67 -15.59
N ASP L 127 40.21 34.46 -16.59
CA ASP L 127 39.03 35.30 -16.78
C ASP L 127 37.87 34.65 -16.08
N SER L 128 36.89 34.26 -16.89
CA SER L 128 35.66 33.60 -16.47
C SER L 128 34.62 33.73 -17.57
N THR L 129 33.51 33.00 -17.42
CA THR L 129 32.42 33.03 -18.38
C THR L 129 31.13 32.88 -17.60
N ARG L 130 30.11 33.66 -17.97
CA ARG L 130 28.82 33.63 -17.27
C ARG L 130 28.40 32.28 -16.65
N ARG L 131 28.62 32.17 -15.35
CA ARG L 131 28.32 31.00 -14.53
C ARG L 131 26.96 30.33 -14.65
N GLU L 132 26.72 29.47 -13.66
CA GLU L 132 25.48 28.72 -13.53
C GLU L 132 24.48 29.81 -13.26
N GLY L 133 23.20 29.55 -13.54
CA GLY L 133 22.21 30.58 -13.29
C GLY L 133 22.65 31.88 -13.94
N GLY L 134 22.07 33.00 -13.53
CA GLY L 134 22.44 34.26 -14.11
C GLY L 134 21.91 35.41 -13.31
N ARG L 135 22.69 36.47 -13.24
CA ARG L 135 22.31 37.66 -12.48
C ARG L 135 22.03 37.33 -11.02
N ARG L 136 21.02 36.51 -10.76
CA ARG L 136 20.68 36.14 -9.39
C ARG L 136 20.96 34.70 -8.95
N GLY L 137 21.10 33.78 -9.89
CA GLY L 137 21.41 32.41 -9.53
C GLY L 137 20.39 31.60 -8.72
N ARG L 138 20.75 30.36 -8.41
CA ARG L 138 19.87 29.47 -7.67
C ARG L 138 19.20 30.25 -6.53
N ARG L 139 17.89 30.40 -6.67
CA ARG L 139 17.05 31.12 -5.71
C ARG L 139 16.01 30.16 -5.08
N LEU L 140 16.18 29.89 -3.79
CA LEU L 140 15.32 29.02 -2.96
C LEU L 140 16.21 27.88 -2.47
N GLY M 1 25.79 81.60 -1.15
CA GLY M 1 24.41 82.17 -1.29
C GLY M 1 23.37 81.08 -1.44
N VAL M 2 22.10 81.48 -1.56
CA VAL M 2 21.03 80.52 -1.73
C VAL M 2 20.70 80.56 -3.21
N GLY M 3 19.58 79.93 -3.59
CA GLY M 3 19.19 79.88 -4.99
C GLY M 3 18.92 81.24 -5.61
N LYS M 4 18.08 82.01 -4.93
CA LYS M 4 17.72 83.34 -5.38
C LYS M 4 19.00 84.16 -5.59
N PRO M 5 19.04 85.02 -6.62
CA PRO M 5 20.20 85.87 -6.92
C PRO M 5 20.09 87.25 -6.24
N ARG M 6 21.18 87.71 -5.61
CA ARG M 6 21.17 88.99 -4.89
C ARG M 6 21.86 90.14 -5.56
N GLY M 7 21.54 90.42 -6.82
CA GLY M 7 22.18 91.53 -7.50
C GLY M 7 21.26 92.75 -7.58
N ILE M 8 21.85 93.94 -7.50
CA ILE M 8 21.07 95.17 -7.58
C ILE M 8 20.65 95.39 -9.01
N ARG M 9 21.40 94.77 -9.93
CA ARG M 9 21.13 94.86 -11.37
C ARG M 9 20.22 93.74 -11.82
N ALA M 10 19.99 92.75 -10.95
CA ALA M 10 19.15 91.63 -11.31
C ALA M 10 17.79 91.67 -10.66
N GLY M 11 17.03 92.71 -10.95
CA GLY M 11 15.71 92.82 -10.37
C GLY M 11 14.80 92.05 -11.31
N ARG M 12 14.94 92.36 -12.59
CA ARG M 12 14.17 91.73 -13.63
C ARG M 12 14.07 90.25 -13.38
N LYS M 13 15.23 89.62 -13.24
CA LYS M 13 15.29 88.19 -12.99
C LYS M 13 14.36 87.81 -11.85
N LEU M 14 14.60 88.35 -10.66
CA LEU M 14 13.75 88.01 -9.51
C LEU M 14 12.28 88.20 -9.82
N ALA M 15 11.98 89.29 -10.53
CA ALA M 15 10.62 89.61 -10.87
C ALA M 15 9.94 88.52 -11.68
N ARG M 16 10.55 88.19 -12.81
CA ARG M 16 9.97 87.18 -13.68
C ARG M 16 9.86 85.88 -12.92
N HIS M 17 10.86 85.57 -12.10
CA HIS M 17 10.88 84.36 -11.30
C HIS M 17 9.65 84.23 -10.44
N ARG M 18 9.31 85.30 -9.72
CA ARG M 18 8.13 85.32 -8.84
C ARG M 18 6.83 85.17 -9.62
N LYS M 19 6.73 85.87 -10.75
CA LYS M 19 5.53 85.77 -11.57
C LYS M 19 5.35 84.34 -12.04
N ASP M 20 6.46 83.67 -12.29
CA ASP M 20 6.47 82.28 -12.75
C ASP M 20 6.22 81.30 -11.61
N GLN M 21 7.18 81.17 -10.72
CA GLN M 21 7.07 80.27 -9.57
C GLN M 21 5.76 80.45 -8.83
N ARG M 22 5.03 81.52 -9.15
CA ARG M 22 3.76 81.81 -8.51
C ARG M 22 2.57 80.98 -9.00
N TRP M 23 2.68 80.41 -10.19
CA TRP M 23 1.59 79.59 -10.73
C TRP M 23 1.38 78.34 -9.93
N ALA M 24 2.32 78.04 -9.06
CA ALA M 24 2.24 76.86 -8.21
C ALA M 24 1.18 77.00 -7.12
N ASP M 25 0.53 78.17 -7.06
CA ASP M 25 -0.50 78.40 -6.05
C ASP M 25 -1.85 78.12 -6.69
N ASN M 26 -2.67 77.30 -6.04
CA ASN M 26 -3.97 76.99 -6.61
C ASN M 26 -4.89 78.19 -6.51
N ASP M 27 -4.89 78.85 -5.35
CA ASP M 27 -5.73 80.02 -5.13
C ASP M 27 -5.49 81.03 -6.26
N PHE M 28 -4.22 81.15 -6.64
CA PHE M 28 -3.78 82.04 -7.71
C PHE M 28 -4.24 81.48 -9.03
N ASN M 29 -3.72 80.30 -9.31
CA ASN M 29 -3.99 79.54 -10.53
C ASN M 29 -5.49 79.48 -10.81
N LYS M 30 -6.27 79.52 -9.73
CA LYS M 30 -7.71 79.42 -9.80
C LYS M 30 -8.38 80.64 -10.41
N ARG M 31 -8.32 81.76 -9.70
CA ARG M 31 -8.95 82.99 -10.17
C ARG M 31 -8.27 83.49 -11.43
N LEU M 32 -6.99 83.19 -11.55
CA LEU M 32 -6.26 83.62 -12.71
C LEU M 32 -6.76 82.95 -13.98
N LEU M 33 -7.23 81.72 -13.85
CA LEU M 33 -7.74 81.01 -15.01
C LEU M 33 -9.25 81.03 -15.09
N GLY M 34 -9.83 82.23 -15.07
CA GLY M 34 -11.27 82.39 -15.15
C GLY M 34 -12.02 81.11 -14.91
N SER M 35 -11.67 80.43 -13.83
CA SER M 35 -12.28 79.17 -13.49
C SER M 35 -13.62 79.42 -12.82
N ARG M 36 -13.65 80.47 -12.02
CA ARG M 36 -14.85 80.84 -11.29
C ARG M 36 -16.02 81.04 -12.24
N TRP M 37 -15.75 81.53 -13.43
CA TRP M 37 -16.80 81.81 -14.41
C TRP M 37 -17.41 80.59 -15.07
N ARG M 38 -16.70 79.47 -15.01
CA ARG M 38 -17.19 78.27 -15.66
C ARG M 38 -18.06 77.36 -14.81
N ASN M 39 -18.06 77.59 -13.50
CA ASN M 39 -18.88 76.75 -12.63
C ASN M 39 -20.35 76.97 -12.99
N PRO M 40 -21.25 76.15 -12.41
CA PRO M 40 -22.69 76.24 -12.67
C PRO M 40 -23.37 77.58 -12.42
N PHE M 41 -22.86 78.37 -11.49
CA PHE M 41 -23.46 79.67 -11.20
C PHE M 41 -22.86 80.76 -12.04
N MET M 42 -21.75 80.44 -12.71
CA MET M 42 -21.03 81.39 -13.53
C MET M 42 -20.49 82.48 -12.62
N GLY M 43 -19.75 82.07 -11.60
CA GLY M 43 -19.16 82.99 -10.64
C GLY M 43 -20.13 83.40 -9.55
N ALA M 44 -21.36 83.69 -9.96
CA ALA M 44 -22.44 84.09 -9.09
C ALA M 44 -22.41 83.51 -7.66
N SER M 45 -23.13 84.16 -6.76
CA SER M 45 -23.24 83.80 -5.36
C SER M 45 -24.46 82.90 -5.18
N HIS M 46 -25.53 83.22 -5.91
CA HIS M 46 -26.78 82.46 -5.87
C HIS M 46 -27.36 82.26 -7.26
N ALA M 47 -28.32 81.34 -7.36
CA ALA M 47 -28.96 81.05 -8.64
C ALA M 47 -30.37 80.56 -8.45
N LYS M 48 -31.27 81.02 -9.32
CA LYS M 48 -32.66 80.60 -9.25
C LYS M 48 -32.78 79.35 -10.09
N GLY M 49 -33.82 78.56 -9.85
CA GLY M 49 -34.01 77.34 -10.61
C GLY M 49 -35.35 76.67 -10.37
N LEU M 50 -35.66 75.67 -11.20
CA LEU M 50 -36.91 74.93 -11.10
C LEU M 50 -36.58 73.51 -10.61
N VAL M 51 -37.36 73.01 -9.67
CA VAL M 51 -37.13 71.68 -9.13
C VAL M 51 -37.38 70.61 -10.17
N THR M 52 -36.35 69.85 -10.54
CA THR M 52 -36.52 68.79 -11.53
C THR M 52 -37.04 67.51 -10.86
N GLU M 53 -36.83 67.38 -9.55
CA GLU M 53 -37.29 66.19 -8.83
C GLU M 53 -36.60 66.08 -7.50
N LYS M 54 -37.29 65.56 -6.49
CA LYS M 54 -36.63 65.39 -5.21
C LYS M 54 -36.09 63.97 -5.19
N ILE M 55 -34.78 63.87 -5.05
CA ILE M 55 -34.07 62.59 -5.01
C ILE M 55 -33.39 62.51 -3.67
N GLY M 56 -33.01 61.30 -3.26
CA GLY M 56 -32.34 61.17 -1.98
C GLY M 56 -30.97 60.60 -2.22
N ILE M 57 -30.00 60.99 -1.39
CA ILE M 57 -28.65 60.46 -1.51
C ILE M 57 -28.15 59.87 -0.20
N GLU M 58 -27.32 58.83 -0.30
CA GLU M 58 -26.78 58.09 0.83
C GLU M 58 -25.55 58.70 1.42
N SER M 59 -25.43 58.61 2.74
CA SER M 59 -24.29 59.18 3.42
C SER M 59 -23.06 58.36 3.08
N LYS M 60 -21.87 58.90 3.35
CA LYS M 60 -20.63 58.19 3.07
C LYS M 60 -20.04 57.47 4.29
N GLN M 61 -18.77 57.10 4.19
CA GLN M 61 -18.04 56.35 5.22
C GLN M 61 -18.68 55.94 6.57
N PRO M 62 -18.33 56.58 7.72
CA PRO M 62 -18.95 56.14 8.98
C PRO M 62 -20.42 56.49 9.21
N ASN M 63 -21.01 57.22 8.27
CA ASN M 63 -22.41 57.61 8.38
C ASN M 63 -23.27 56.88 7.37
N SER M 64 -24.51 56.62 7.75
CA SER M 64 -25.46 55.95 6.88
C SER M 64 -26.76 56.73 6.99
N ALA M 65 -27.15 57.43 5.94
CA ALA M 65 -28.39 58.19 6.01
C ALA M 65 -28.92 58.66 4.66
N VAL M 66 -30.24 58.88 4.63
CA VAL M 66 -30.94 59.34 3.44
C VAL M 66 -30.98 60.86 3.44
N ARG M 67 -30.13 61.46 2.62
CA ARG M 67 -30.08 62.90 2.56
C ARG M 67 -31.14 63.36 1.60
N LYS M 68 -31.72 64.52 1.91
CA LYS M 68 -32.77 65.09 1.10
C LYS M 68 -32.06 65.98 0.09
N CYS M 69 -32.44 65.83 -1.18
CA CYS M 69 -31.79 66.60 -2.23
C CYS M 69 -32.77 66.88 -3.34
N VAL M 70 -32.58 68.00 -4.01
CA VAL M 70 -33.44 68.33 -5.12
C VAL M 70 -32.61 68.53 -6.37
N ARG M 71 -33.04 67.98 -7.50
CA ARG M 71 -32.29 68.17 -8.73
C ARG M 71 -32.89 69.42 -9.34
N VAL M 72 -32.10 70.48 -9.45
CA VAL M 72 -32.59 71.73 -9.99
C VAL M 72 -32.05 72.12 -11.37
N LEU M 73 -32.82 72.94 -12.08
CA LEU M 73 -32.45 73.45 -13.39
C LEU M 73 -32.24 74.95 -13.24
N LEU M 74 -30.99 75.40 -13.33
CA LEU M 74 -30.68 76.81 -13.19
C LEU M 74 -31.22 77.58 -14.39
N ARG M 75 -31.68 78.81 -14.19
CA ARG M 75 -32.24 79.61 -15.26
C ARG M 75 -31.41 79.99 -16.48
N LYS M 76 -30.63 81.06 -16.42
CA LYS M 76 -29.84 81.44 -17.60
C LYS M 76 -28.72 80.46 -17.91
N ASN M 77 -28.22 79.80 -16.88
CA ASN M 77 -27.15 78.83 -17.05
C ASN M 77 -27.66 77.57 -17.76
N SER M 78 -28.73 76.99 -17.21
CA SER M 78 -29.36 75.79 -17.76
C SER M 78 -28.54 74.54 -17.51
N LYS M 79 -28.28 74.25 -16.24
CA LYS M 79 -27.51 73.07 -15.88
C LYS M 79 -28.24 72.23 -14.86
N LYS M 80 -27.89 70.95 -14.80
CA LYS M 80 -28.49 70.03 -13.85
C LYS M 80 -27.74 70.27 -12.55
N ILE M 81 -28.46 70.57 -11.47
CA ILE M 81 -27.82 70.80 -10.20
C ILE M 81 -28.24 69.83 -9.12
N ALA M 82 -27.30 69.49 -8.27
CA ALA M 82 -27.54 68.62 -7.15
C ALA M 82 -27.65 69.57 -5.96
N ALA M 83 -28.83 69.66 -5.34
CA ALA M 83 -29.00 70.58 -4.20
C ALA M 83 -29.56 69.94 -2.95
N PHE M 84 -28.81 70.09 -1.87
CA PHE M 84 -29.17 69.53 -0.59
C PHE M 84 -30.17 70.43 0.09
N VAL M 85 -31.30 69.85 0.49
CA VAL M 85 -32.34 70.59 1.19
C VAL M 85 -31.95 70.50 2.67
N PRO M 86 -31.75 71.64 3.33
CA PRO M 86 -31.35 71.69 4.74
C PRO M 86 -32.20 70.93 5.77
N MET M 87 -32.29 71.51 6.97
CA MET M 87 -33.00 70.98 8.13
C MET M 87 -34.10 69.91 7.97
N ASP M 88 -34.49 69.32 9.09
CA ASP M 88 -35.51 68.26 9.17
C ASP M 88 -36.56 68.08 8.07
N GLY M 89 -37.79 68.51 8.34
CA GLY M 89 -38.86 68.34 7.38
C GLY M 89 -38.74 69.05 6.05
N CYS M 90 -37.77 69.94 5.94
CA CYS M 90 -37.56 70.73 4.73
C CYS M 90 -38.16 70.20 3.41
N LEU M 91 -37.67 69.07 2.89
CA LEU M 91 -38.20 68.58 1.60
C LEU M 91 -39.73 68.51 1.53
N ASN M 92 -40.41 68.53 2.67
CA ASN M 92 -41.86 68.48 2.67
C ASN M 92 -42.50 69.75 2.11
N PHE M 93 -41.71 70.80 1.89
CA PHE M 93 -42.20 72.08 1.36
C PHE M 93 -41.92 72.23 -0.12
N LEU M 94 -40.80 71.66 -0.54
CA LEU M 94 -40.40 71.71 -1.93
C LEU M 94 -41.31 70.86 -2.79
N ALA M 95 -42.16 71.53 -3.56
CA ALA M 95 -43.07 70.83 -4.46
C ALA M 95 -42.34 70.82 -5.80
N GLU M 96 -42.47 69.73 -6.56
CA GLU M 96 -41.79 69.63 -7.84
C GLU M 96 -42.23 70.71 -8.83
N ASN M 97 -41.25 71.40 -9.41
CA ASN M 97 -41.44 72.48 -10.39
C ASN M 97 -41.50 73.89 -9.81
N ASP M 98 -41.41 73.99 -8.49
CA ASP M 98 -41.43 75.30 -7.83
C ASP M 98 -40.11 76.00 -8.12
N GLU M 99 -40.01 77.28 -7.75
CA GLU M 99 -38.78 78.02 -7.97
C GLU M 99 -37.94 77.99 -6.71
N VAL M 100 -36.66 77.67 -6.89
CA VAL M 100 -35.74 77.56 -5.76
C VAL M 100 -34.48 78.41 -5.89
N LEU M 101 -34.00 78.91 -4.76
CA LEU M 101 -32.78 79.73 -4.72
C LEU M 101 -31.66 78.93 -4.04
N VAL M 102 -30.60 78.65 -4.78
CA VAL M 102 -29.50 77.87 -4.24
C VAL M 102 -28.17 78.59 -4.10
N ALA M 103 -27.40 78.17 -3.09
CA ALA M 103 -26.07 78.72 -2.77
C ALA M 103 -25.17 77.56 -2.38
N GLY M 104 -23.86 77.77 -2.42
CA GLY M 104 -22.92 76.72 -2.07
C GLY M 104 -22.77 76.38 -0.61
N LEU M 105 -21.97 75.37 -0.31
CA LEU M 105 -21.71 74.97 1.07
C LEU M 105 -20.20 75.12 1.28
N GLY M 106 -19.78 75.86 2.31
CA GLY M 106 -18.36 76.06 2.60
C GLY M 106 -17.39 75.95 1.43
N ARG M 107 -16.92 77.10 0.95
CA ARG M 107 -16.02 77.19 -0.21
C ARG M 107 -16.43 76.23 -1.31
N GLN M 108 -16.79 76.81 -2.45
CA GLN M 108 -17.23 76.05 -3.61
C GLN M 108 -16.28 74.95 -4.03
N GLY M 109 -16.57 73.72 -3.63
CA GLY M 109 -15.73 72.59 -4.01
C GLY M 109 -16.09 71.31 -3.30
N HIS M 110 -15.51 71.11 -2.12
CA HIS M 110 -15.81 69.90 -1.35
C HIS M 110 -17.18 70.10 -0.75
N ALA M 111 -18.03 69.08 -0.80
CA ALA M 111 -19.36 69.19 -0.20
C ALA M 111 -19.16 68.90 1.28
N VAL M 112 -20.18 69.04 2.10
CA VAL M 112 -20.02 68.75 3.53
C VAL M 112 -19.46 67.33 3.65
N GLY M 113 -18.53 67.12 4.57
CA GLY M 113 -17.95 65.80 4.73
C GLY M 113 -18.86 64.60 4.41
N ASP M 114 -20.12 64.66 4.85
CA ASP M 114 -21.12 63.59 4.67
C ASP M 114 -21.63 63.32 3.26
N ILE M 115 -22.10 64.36 2.60
CA ILE M 115 -22.63 64.29 1.25
C ILE M 115 -21.64 63.73 0.20
N PRO M 116 -22.14 63.19 -0.92
CA PRO M 116 -21.27 62.65 -1.95
C PRO M 116 -20.87 63.65 -3.05
N GLY M 117 -21.74 63.86 -4.04
CA GLY M 117 -21.42 64.79 -5.11
C GLY M 117 -22.26 66.04 -5.14
N VAL M 118 -22.83 66.41 -3.98
CA VAL M 118 -23.66 67.59 -3.86
C VAL M 118 -22.86 68.81 -3.48
N ARG M 119 -23.07 69.88 -4.21
CA ARG M 119 -22.33 71.10 -3.93
C ARG M 119 -23.23 72.30 -3.63
N PHE M 120 -24.53 72.06 -3.50
CA PHE M 120 -25.43 73.16 -3.24
C PHE M 120 -26.49 73.00 -2.16
N LYS M 121 -26.90 74.16 -1.65
CA LYS M 121 -27.88 74.30 -0.58
C LYS M 121 -29.14 74.96 -1.15
N VAL M 122 -30.30 74.61 -0.63
CA VAL M 122 -31.55 75.18 -1.08
C VAL M 122 -32.04 76.19 -0.05
N VAL M 123 -32.25 77.45 -0.42
CA VAL M 123 -32.71 78.44 0.55
C VAL M 123 -34.12 79.01 0.33
N CYS M 124 -34.67 78.83 -0.86
CA CYS M 124 -36.00 79.36 -1.15
C CYS M 124 -36.93 78.51 -2.01
N VAL M 125 -38.20 78.47 -1.59
CA VAL M 125 -39.24 77.71 -2.24
C VAL M 125 -40.31 78.69 -2.71
N LYS M 126 -40.48 78.84 -4.01
CA LYS M 126 -41.49 79.76 -4.51
C LYS M 126 -41.15 81.14 -3.96
N GLY M 127 -39.86 81.38 -3.74
CA GLY M 127 -39.45 82.67 -3.21
C GLY M 127 -39.92 82.88 -1.77
N ILE M 128 -39.69 81.87 -0.92
CA ILE M 128 -40.03 81.92 0.51
C ILE M 128 -38.90 81.24 1.26
N SER M 129 -38.09 82.03 1.95
CA SER M 129 -36.97 81.46 2.69
C SER M 129 -37.40 80.19 3.40
N LEU M 130 -36.56 79.17 3.33
CA LEU M 130 -36.87 77.92 3.98
C LEU M 130 -37.04 78.11 5.49
N LEU M 131 -36.03 78.68 6.13
CA LEU M 131 -36.09 78.90 7.56
C LEU M 131 -37.52 79.35 7.91
N ALA M 132 -38.04 80.29 7.12
CA ALA M 132 -39.37 80.82 7.34
C ALA M 132 -40.42 79.71 7.34
N LEU M 133 -40.30 78.77 6.41
CA LEU M 133 -41.25 77.68 6.33
C LEU M 133 -40.96 76.66 7.43
N PHE M 134 -39.75 76.72 7.99
CA PHE M 134 -39.37 75.78 9.03
C PHE M 134 -39.95 76.10 10.38
N LYS M 135 -40.21 77.38 10.63
CA LYS M 135 -40.79 77.78 11.89
C LYS M 135 -42.25 78.20 11.67
N GLY M 136 -43.17 77.43 12.23
CA GLY M 136 -44.58 77.67 12.07
C GLY M 136 -45.04 79.12 11.99
N LYS M 137 -44.81 79.87 13.07
CA LYS M 137 -45.21 81.27 13.15
C LYS M 137 -44.69 82.19 12.04
N LYS M 138 -44.01 81.65 11.03
CA LYS M 138 -43.47 82.49 9.98
C LYS M 138 -44.24 82.54 8.66
N GLU M 139 -44.15 81.48 7.85
CA GLU M 139 -44.84 81.47 6.57
C GLU M 139 -45.12 80.07 6.01
N LYS M 140 -46.10 80.00 5.12
CA LYS M 140 -46.50 78.74 4.47
C LYS M 140 -47.53 79.00 3.36
N ARG M 141 -47.44 78.23 2.27
CA ARG M 141 -48.37 78.38 1.15
C ARG M 141 -48.99 77.04 0.73
N THR N 1 -35.46 56.57 1.08
CA THR N 1 -36.94 56.67 1.26
C THR N 1 -37.44 57.94 0.57
N LEU N 2 -38.26 58.66 1.31
CA LEU N 2 -38.86 59.92 0.88
C LEU N 2 -39.96 60.14 1.90
N ALA N 3 -41.00 59.32 1.83
CA ALA N 3 -42.13 59.42 2.75
C ALA N 3 -41.64 59.43 4.20
N LYS N 4 -40.37 59.09 4.39
CA LYS N 4 -39.77 59.06 5.71
C LYS N 4 -39.26 60.45 6.09
N ALA N 5 -39.72 61.46 5.37
CA ALA N 5 -39.32 62.85 5.58
C ALA N 5 -39.73 63.43 6.93
N GLY N 6 -38.76 63.97 7.64
CA GLY N 6 -39.06 64.56 8.93
C GLY N 6 -39.70 63.64 9.95
N LYS N 7 -39.44 62.35 9.81
CA LYS N 7 -39.96 61.36 10.75
C LYS N 7 -39.83 61.85 12.18
N VAL N 8 -38.66 62.40 12.51
CA VAL N 8 -38.38 62.88 13.85
C VAL N 8 -39.35 63.94 14.39
N ARG N 9 -39.31 65.13 13.81
CA ARG N 9 -40.17 66.23 14.25
C ARG N 9 -41.64 65.86 14.39
N LYS N 10 -42.17 65.13 13.43
CA LYS N 10 -43.56 64.71 13.49
C LYS N 10 -43.81 63.92 14.78
N GLN N 11 -42.86 63.06 15.13
CA GLN N 11 -42.93 62.22 16.33
C GLN N 11 -42.67 62.95 17.65
N THR N 12 -42.18 64.19 17.58
CA THR N 12 -41.87 64.93 18.79
C THR N 12 -43.06 65.59 19.46
N PRO N 13 -43.24 65.34 20.77
CA PRO N 13 -44.33 65.89 21.57
C PRO N 13 -44.07 67.36 21.81
N LYS N 14 -44.91 68.24 21.25
CA LYS N 14 -44.68 69.67 21.44
C LYS N 14 -44.90 70.17 22.86
N VAL N 15 -43.81 70.42 23.56
CA VAL N 15 -43.86 70.95 24.91
C VAL N 15 -43.98 72.46 24.77
N GLU N 16 -44.61 73.10 25.75
CA GLU N 16 -44.76 74.56 25.70
C GLU N 16 -43.70 75.27 26.52
N LYS N 17 -43.54 76.57 26.26
CA LYS N 17 -42.55 77.37 26.96
C LYS N 17 -43.11 78.12 28.15
N LYS N 18 -42.38 78.07 29.26
CA LYS N 18 -42.78 78.72 30.52
C LYS N 18 -43.07 80.21 30.33
N ASP N 19 -44.35 80.55 30.15
CA ASP N 19 -44.77 81.93 29.95
C ASP N 19 -44.14 82.90 30.95
N LYS N 20 -43.11 83.59 30.49
CA LYS N 20 -42.33 84.58 31.26
C LYS N 20 -43.00 84.99 32.56
N PRO N 21 -42.40 84.63 33.70
CA PRO N 21 -43.03 85.03 34.96
C PRO N 21 -43.15 86.56 34.93
N ARG N 22 -42.01 87.23 34.77
CA ARG N 22 -41.98 88.67 34.68
C ARG N 22 -41.47 89.20 33.34
N LYS N 23 -40.19 89.53 33.26
CA LYS N 23 -39.58 90.07 32.04
C LYS N 23 -38.08 89.88 32.06
N THR N 24 -37.45 90.03 30.91
CA THR N 24 -36.00 89.91 30.81
C THR N 24 -35.51 91.27 30.32
N PRO N 25 -34.97 92.08 31.23
CA PRO N 25 -34.48 93.40 30.87
C PRO N 25 -33.49 93.41 29.70
N LYS N 26 -33.86 94.09 28.63
CA LYS N 26 -32.99 94.18 27.46
C LYS N 26 -32.39 95.56 27.34
N GLY N 27 -31.07 95.64 27.51
CA GLY N 27 -30.37 96.91 27.43
C GLY N 27 -29.21 96.86 28.41
N ARG N 28 -28.66 98.02 28.75
CA ARG N 28 -27.55 98.08 29.69
C ARG N 28 -27.89 97.26 30.93
N SER N 29 -29.18 97.04 31.12
CA SER N 29 -29.66 96.32 32.28
C SER N 29 -29.22 94.88 32.29
N TYR N 30 -29.38 94.19 31.16
CA TYR N 30 -29.00 92.79 31.08
C TYR N 30 -27.52 92.66 31.32
N LYS N 31 -26.75 93.49 30.63
CA LYS N 31 -25.31 93.47 30.76
C LYS N 31 -24.96 93.82 32.20
N ARG N 32 -25.85 94.56 32.83
CA ARG N 32 -25.61 94.91 34.22
C ARG N 32 -25.78 93.67 35.09
N ILE N 33 -26.93 93.01 34.95
CA ILE N 33 -27.26 91.82 35.77
C ILE N 33 -26.15 90.81 35.67
N LEU N 34 -25.69 90.59 34.45
CA LEU N 34 -24.63 89.64 34.23
C LEU N 34 -23.43 90.09 35.03
N TYR N 35 -23.03 91.35 34.85
CA TYR N 35 -21.89 91.86 35.59
C TYR N 35 -22.01 91.50 37.07
N ASN N 36 -23.22 91.63 37.60
CA ASN N 36 -23.50 91.36 39.00
C ASN N 36 -23.49 89.90 39.37
N ARG N 37 -24.14 89.06 38.57
CA ARG N 37 -24.19 87.65 38.88
C ARG N 37 -22.84 86.97 38.75
N ARG N 38 -21.89 87.58 38.05
CA ARG N 38 -20.59 86.93 37.89
C ARG N 38 -19.33 87.73 38.20
N TYR N 39 -19.19 88.92 37.63
CA TYR N 39 -17.98 89.70 37.85
C TYR N 39 -18.10 90.72 38.96
N ALA N 40 -19.15 90.58 39.77
CA ALA N 40 -19.33 91.48 40.89
C ALA N 40 -18.30 91.02 41.92
N PRO N 41 -17.64 91.98 42.60
CA PRO N 41 -16.62 91.68 43.61
C PRO N 41 -16.80 90.53 44.62
N HIS N 42 -18.01 90.06 44.88
CA HIS N 42 -18.13 88.95 45.83
C HIS N 42 -17.70 87.60 45.22
N ILE N 43 -17.75 87.50 43.89
CA ILE N 43 -17.33 86.27 43.19
C ILE N 43 -15.84 86.34 42.80
N LEU N 44 -15.34 87.55 42.57
CA LEU N 44 -13.94 87.75 42.22
C LEU N 44 -13.22 87.71 43.56
N ALA N 45 -14.01 87.69 44.62
CA ALA N 45 -13.52 87.64 45.98
C ALA N 45 -13.03 86.24 46.30
N THR N 46 -13.93 85.26 46.26
CA THR N 46 -13.52 83.89 46.55
C THR N 46 -12.56 83.50 45.43
N ASP N 47 -11.70 82.52 45.71
CA ASP N 47 -10.71 82.05 44.74
C ASP N 47 -11.18 82.14 43.29
N PRO N 48 -10.28 82.50 42.37
CA PRO N 48 -10.63 82.59 40.95
C PRO N 48 -10.49 81.19 40.37
N LYS N 49 -9.99 80.29 41.22
CA LYS N 49 -9.76 78.90 40.87
C LYS N 49 -10.85 77.98 41.42
N LYS N 50 -11.69 78.50 42.31
CA LYS N 50 -12.77 77.71 42.92
C LYS N 50 -14.17 78.31 42.73
N ARG N 51 -14.33 79.16 41.72
CA ARG N 51 -15.62 79.78 41.44
C ARG N 51 -16.39 78.98 40.39
N LYS N 52 -17.68 78.84 40.63
CA LYS N 52 -18.59 78.06 39.79
C LYS N 52 -18.81 78.38 38.30
N SER N 53 -19.41 77.40 37.62
CA SER N 53 -19.74 77.46 36.20
C SER N 53 -21.01 78.25 35.96
N PRO N 54 -20.93 79.29 35.13
CA PRO N 54 -22.07 80.15 34.78
C PRO N 54 -23.33 79.42 34.30
N ASN N 55 -23.33 78.10 34.44
CA ASN N 55 -24.50 77.28 34.07
C ASN N 55 -24.56 75.95 34.81
N TRP N 56 -23.90 75.86 35.96
CA TRP N 56 -23.95 74.64 36.75
C TRP N 56 -25.39 74.62 37.27
N HIS N 57 -26.00 75.80 37.27
CA HIS N 57 -27.39 76.04 37.66
C HIS N 57 -28.21 75.57 36.47
N ALA N 58 -27.88 74.40 35.96
CA ALA N 58 -28.56 73.83 34.80
C ALA N 58 -30.07 73.95 34.92
N GLY N 59 -30.52 74.58 36.00
CA GLY N 59 -31.94 74.76 36.21
C GLY N 59 -32.36 73.77 37.28
N LYS N 60 -31.39 73.33 38.07
CA LYS N 60 -31.62 72.36 39.13
C LYS N 60 -32.20 73.01 40.40
N LYS N 61 -33.50 72.84 40.58
CA LYS N 61 -34.22 73.39 41.73
C LYS N 61 -33.62 73.01 43.09
N GLU N 62 -32.94 71.86 43.17
CA GLU N 62 -32.33 71.41 44.41
C GLU N 62 -30.99 72.10 44.74
N LYS N 63 -30.22 72.41 43.69
CA LYS N 63 -28.94 73.10 43.87
C LYS N 63 -29.16 74.59 43.69
N MET N 64 -30.34 74.95 43.16
CA MET N 64 -30.72 76.34 42.91
C MET N 64 -30.92 77.07 44.23
N ASP N 65 -31.56 76.38 45.18
CA ASP N 65 -31.83 76.93 46.51
C ASP N 65 -30.61 76.82 47.44
N ALA N 66 -29.84 75.75 47.31
CA ALA N 66 -28.67 75.53 48.15
C ALA N 66 -27.65 76.67 48.02
N ALA N 67 -27.56 77.22 46.81
CA ALA N 67 -26.65 78.33 46.54
C ALA N 67 -27.21 79.65 47.08
N ALA N 68 -28.46 79.96 46.74
CA ALA N 68 -29.11 81.18 47.20
C ALA N 68 -29.58 81.07 48.65
N PHE O 1 -62.16 -19.12 20.81
CA PHE O 1 -62.18 -19.87 22.10
C PHE O 1 -61.10 -19.32 23.04
N THR O 2 -61.36 -18.17 23.66
CA THR O 2 -60.42 -17.51 24.57
C THR O 2 -60.98 -17.33 25.98
N PHE O 3 -60.09 -17.39 26.98
CA PHE O 3 -60.49 -17.22 28.39
C PHE O 3 -59.72 -16.09 29.07
N ARG O 4 -59.83 -16.00 30.40
CA ARG O 4 -59.17 -14.93 31.16
C ARG O 4 -58.38 -15.34 32.39
N GLY O 5 -57.19 -14.77 32.52
CA GLY O 5 -56.31 -15.04 33.65
C GLY O 5 -56.70 -16.00 34.77
N LYS O 6 -57.44 -15.52 35.77
CA LYS O 6 -57.86 -16.33 36.93
C LYS O 6 -59.38 -16.37 37.21
N GLY O 7 -60.18 -16.05 36.21
CA GLY O 7 -61.63 -16.08 36.40
C GLY O 7 -62.13 -14.76 36.93
N LEU O 8 -62.57 -13.90 36.01
CA LEU O 8 -63.07 -12.58 36.35
C LEU O 8 -64.08 -12.56 37.49
N GLU O 9 -64.84 -13.64 37.63
CA GLU O 9 -65.84 -13.72 38.69
C GLU O 9 -65.26 -14.14 40.03
N GLU O 10 -64.44 -15.18 40.05
CA GLU O 10 -63.85 -15.64 41.29
C GLU O 10 -63.31 -14.44 42.07
N LEU O 11 -62.77 -13.49 41.33
CA LEU O 11 -62.19 -12.30 41.90
C LEU O 11 -63.22 -11.30 42.43
N THR O 12 -64.36 -11.18 41.75
CA THR O 12 -65.40 -10.24 42.21
C THR O 12 -65.90 -10.74 43.57
N ALA O 13 -65.75 -12.04 43.80
CA ALA O 13 -66.16 -12.68 45.05
C ALA O 13 -64.95 -12.68 45.98
N LEU O 14 -63.78 -12.66 45.37
CA LEU O 14 -62.52 -12.62 46.10
C LEU O 14 -62.30 -11.21 46.67
N ALA O 15 -62.57 -10.20 45.86
CA ALA O 15 -62.42 -8.79 46.25
C ALA O 15 -63.57 -8.33 47.16
N SER O 16 -64.80 -8.57 46.73
CA SER O 16 -66.00 -8.19 47.50
C SER O 16 -66.39 -9.33 48.44
N GLY O 17 -65.41 -10.11 48.85
CA GLY O 17 -65.65 -11.24 49.75
C GLY O 17 -66.31 -10.85 51.04
N SER O 18 -66.47 -11.80 51.95
CA SER O 18 -67.12 -11.56 53.24
C SER O 18 -66.76 -10.21 53.83
N ASN O 19 -65.48 -9.85 53.76
CA ASN O 19 -65.01 -8.56 54.27
C ASN O 19 -64.53 -7.65 53.14
N SER O 20 -65.48 -7.12 52.37
CA SER O 20 -65.16 -6.22 51.27
C SER O 20 -64.85 -4.82 51.79
N GLU O 21 -63.99 -4.78 52.80
CA GLU O 21 -63.55 -3.55 53.44
C GLU O 21 -62.58 -2.78 52.53
N LYS O 22 -61.30 -2.87 52.83
CA LYS O 22 -60.26 -2.20 52.07
C LYS O 22 -60.27 -2.64 50.60
N LEU O 23 -60.43 -1.68 49.69
CA LEU O 23 -60.46 -1.95 48.25
C LEU O 23 -59.78 -3.22 47.78
N ILE O 24 -58.63 -3.51 48.39
CA ILE O 24 -57.88 -4.69 48.03
C ILE O 24 -57.81 -5.68 49.18
N SER O 25 -58.80 -6.55 49.26
CA SER O 25 -58.86 -7.55 50.31
C SER O 25 -57.54 -8.30 50.29
N ASP O 26 -57.15 -8.81 51.45
CA ASP O 26 -55.90 -9.55 51.57
C ASP O 26 -55.87 -10.71 50.57
N GLU O 27 -57.02 -11.00 49.98
CA GLU O 27 -57.14 -12.06 48.99
C GLU O 27 -56.34 -11.63 47.78
N LEU O 28 -56.80 -10.55 47.15
CA LEU O 28 -56.14 -10.01 45.96
C LEU O 28 -54.67 -9.84 46.25
N ALA O 29 -54.32 -9.71 47.52
CA ALA O 29 -52.94 -9.54 47.91
C ALA O 29 -52.08 -10.68 47.37
N ALA O 30 -52.51 -11.92 47.62
CA ALA O 30 -51.78 -13.09 47.19
C ALA O 30 -51.47 -13.08 45.69
N LEU O 31 -52.28 -12.35 44.95
CA LEU O 31 -52.15 -12.25 43.50
C LEU O 31 -51.13 -11.28 42.94
N PHE O 32 -51.01 -10.10 43.57
CA PHE O 32 -50.10 -9.07 43.08
C PHE O 32 -48.62 -9.26 43.35
N ASP O 33 -47.82 -8.60 42.51
CA ASP O 33 -46.37 -8.61 42.61
C ASP O 33 -45.95 -7.94 43.92
N ALA O 34 -44.72 -8.20 44.35
CA ALA O 34 -44.20 -7.63 45.59
C ALA O 34 -44.39 -6.10 45.70
N LYS O 35 -44.05 -5.38 44.64
CA LYS O 35 -44.17 -3.92 44.66
C LYS O 35 -45.60 -3.47 44.98
N THR O 36 -46.57 -4.09 44.32
CA THR O 36 -47.95 -3.73 44.57
C THR O 36 -48.35 -4.10 46.00
N ARG O 37 -48.05 -5.34 46.39
CA ARG O 37 -48.35 -5.84 47.73
C ARG O 37 -47.76 -4.92 48.78
N ARG O 38 -46.57 -4.44 48.47
CA ARG O 38 -45.85 -3.54 49.33
C ARG O 38 -46.78 -2.36 49.64
N ARG O 39 -47.12 -1.62 48.60
CA ARG O 39 -47.99 -0.47 48.72
C ARG O 39 -49.26 -0.68 49.53
N VAL O 40 -50.09 -1.62 49.11
CA VAL O 40 -51.34 -1.87 49.80
C VAL O 40 -51.13 -2.26 51.25
N LYS O 41 -50.20 -3.18 51.47
CA LYS O 41 -49.90 -3.63 52.82
C LYS O 41 -49.26 -2.51 53.63
N ARG O 42 -48.83 -1.47 52.93
CA ARG O 42 -48.19 -0.35 53.58
C ARG O 42 -49.17 0.77 53.96
N GLY O 43 -49.61 1.54 52.97
CA GLY O 43 -50.53 2.63 53.24
C GLY O 43 -51.11 3.20 51.96
N ILE O 44 -52.25 2.63 51.56
CA ILE O 44 -52.96 3.05 50.37
C ILE O 44 -53.94 4.15 50.78
N SER O 45 -54.19 5.10 49.90
CA SER O 45 -55.10 6.22 50.20
C SER O 45 -56.58 5.92 50.05
N GLU O 46 -57.40 6.76 50.68
CA GLU O 46 -58.84 6.62 50.65
C GLU O 46 -59.43 7.20 49.38
N LYS O 47 -58.82 8.27 48.89
CA LYS O 47 -59.32 8.89 47.68
C LYS O 47 -59.46 7.77 46.65
N TYR O 48 -58.48 6.89 46.62
CA TYR O 48 -58.50 5.76 45.69
C TYR O 48 -59.76 4.92 45.84
N ALA O 49 -60.54 5.19 46.88
CA ALA O 49 -61.75 4.43 47.12
C ALA O 49 -62.99 5.11 46.60
N LYS O 50 -63.00 6.43 46.63
CA LYS O 50 -64.15 7.17 46.16
C LYS O 50 -64.06 7.22 44.65
N PHE O 51 -62.85 7.05 44.13
CA PHE O 51 -62.64 7.03 42.68
C PHE O 51 -63.22 5.73 42.21
N VAL O 52 -63.02 4.71 43.03
CA VAL O 52 -63.51 3.39 42.74
C VAL O 52 -64.98 3.46 42.41
N ASN O 53 -65.77 3.92 43.37
CA ASN O 53 -67.21 4.01 43.22
C ASN O 53 -67.63 4.84 42.01
N LYS O 54 -66.80 5.79 41.62
CA LYS O 54 -67.12 6.64 40.47
C LYS O 54 -67.17 5.84 39.19
N VAL O 55 -66.38 4.78 39.12
CA VAL O 55 -66.39 3.91 37.94
C VAL O 55 -67.67 3.07 38.06
N ARG O 56 -67.92 2.61 39.29
CA ARG O 56 -69.07 1.77 39.62
C ARG O 56 -70.35 2.25 38.96
N ARG O 57 -70.70 3.50 39.24
CA ARG O 57 -71.91 4.10 38.69
C ARG O 57 -71.83 4.16 37.17
N SER O 58 -70.63 4.39 36.65
CA SER O 58 -70.45 4.46 35.20
C SER O 58 -70.72 3.14 34.52
N LYS O 59 -70.35 2.04 35.18
CA LYS O 59 -70.54 0.71 34.61
C LYS O 59 -71.97 0.18 34.55
N GLU O 60 -72.81 0.57 35.51
CA GLU O 60 -74.18 0.11 35.54
C GLU O 60 -75.17 1.01 34.82
N LYS O 61 -75.30 2.24 35.32
CA LYS O 61 -76.23 3.21 34.74
C LYS O 61 -76.21 3.20 33.22
N CYS O 62 -75.02 3.06 32.64
CA CYS O 62 -74.90 3.04 31.18
C CYS O 62 -75.63 1.84 30.61
N PRO O 63 -76.49 2.07 29.59
CA PRO O 63 -77.23 0.98 28.97
C PRO O 63 -76.27 0.04 28.25
N ALA O 64 -76.75 -1.13 27.84
CA ALA O 64 -75.91 -2.08 27.12
C ALA O 64 -75.50 -1.46 25.79
N GLY O 65 -75.81 -0.18 25.64
CA GLY O 65 -75.45 0.54 24.42
C GLY O 65 -73.98 0.84 24.47
N GLU O 66 -73.27 0.06 25.29
CA GLU O 66 -71.82 0.13 25.49
C GLU O 66 -71.21 1.52 25.43
N LYS O 67 -71.86 2.47 26.09
CA LYS O 67 -71.38 3.84 26.12
C LYS O 67 -71.07 4.27 27.56
N PRO O 68 -69.90 3.88 28.10
CA PRO O 68 -69.49 4.22 29.48
C PRO O 68 -69.17 5.71 29.70
N VAL O 69 -69.54 6.22 30.88
CA VAL O 69 -69.26 7.63 31.22
C VAL O 69 -67.80 7.70 31.63
N PRO O 70 -66.95 8.32 30.80
CA PRO O 70 -65.54 8.40 31.19
C PRO O 70 -65.31 9.05 32.55
N VAL O 71 -64.57 8.35 33.42
CA VAL O 71 -64.25 8.83 34.76
C VAL O 71 -62.85 9.46 34.68
N LYS O 72 -62.72 10.72 35.11
CA LYS O 72 -61.43 11.42 35.02
C LYS O 72 -60.59 11.37 36.28
N THR O 73 -59.29 11.14 36.14
CA THR O 73 -58.43 11.08 37.31
C THR O 73 -56.95 11.36 37.07
N HIS O 74 -56.27 11.78 38.12
CA HIS O 74 -54.83 12.06 38.08
C HIS O 74 -54.14 10.96 38.85
N TYR O 75 -54.94 10.10 39.47
CA TYR O 75 -54.41 9.00 40.28
C TYR O 75 -53.68 7.97 39.43
N ARG O 76 -52.74 8.42 38.61
CA ARG O 76 -51.96 7.54 37.75
C ARG O 76 -51.23 6.48 38.53
N SER O 77 -51.15 6.67 39.85
CA SER O 77 -50.47 5.73 40.72
C SER O 77 -51.36 4.56 41.13
N MET O 78 -52.64 4.60 40.75
CA MET O 78 -53.55 3.52 41.08
C MET O 78 -53.27 2.23 40.32
N ILE O 79 -53.36 1.10 41.02
CA ILE O 79 -53.15 -0.22 40.43
C ILE O 79 -54.53 -0.81 40.19
N VAL O 80 -54.88 -0.98 38.92
CA VAL O 80 -56.18 -1.49 38.53
C VAL O 80 -56.69 -2.61 39.43
N ILE O 81 -57.91 -2.44 39.94
CA ILE O 81 -58.54 -3.44 40.79
C ILE O 81 -59.50 -4.25 39.90
N PRO O 82 -59.68 -5.55 40.21
CA PRO O 82 -60.56 -6.40 39.41
C PRO O 82 -61.86 -5.75 38.96
N GLU O 83 -62.61 -5.19 39.90
CA GLU O 83 -63.87 -4.55 39.59
C GLU O 83 -63.73 -3.32 38.71
N LEU O 84 -62.48 -2.93 38.45
CA LEU O 84 -62.19 -1.76 37.62
C LEU O 84 -62.14 -2.08 36.14
N VAL O 85 -62.36 -3.33 35.81
CA VAL O 85 -62.32 -3.77 34.42
C VAL O 85 -63.64 -3.48 33.72
N GLY O 86 -63.57 -3.02 32.49
CA GLY O 86 -64.78 -2.73 31.73
C GLY O 86 -65.09 -1.26 31.58
N GLY O 87 -64.65 -0.47 32.55
CA GLY O 87 -64.91 0.96 32.48
C GLY O 87 -63.83 1.70 31.73
N ILE O 88 -64.18 2.86 31.17
CA ILE O 88 -63.20 3.66 30.46
C ILE O 88 -62.85 4.87 31.31
N VAL O 89 -61.67 4.85 31.89
CA VAL O 89 -61.23 5.94 32.74
C VAL O 89 -60.32 6.89 31.99
N GLY O 90 -60.56 8.18 32.17
CA GLY O 90 -59.75 9.19 31.54
C GLY O 90 -58.64 9.50 32.52
N VAL O 91 -57.40 9.25 32.10
CA VAL O 91 -56.27 9.51 32.96
C VAL O 91 -55.42 10.63 32.39
N TYR O 92 -55.03 11.55 33.26
CA TYR O 92 -54.23 12.68 32.89
C TYR O 92 -52.81 12.18 32.70
N ASN O 93 -52.06 12.83 31.81
CA ASN O 93 -50.68 12.43 31.56
C ASN O 93 -49.74 13.63 31.74
N GLY O 94 -50.15 14.75 31.16
CA GLY O 94 -49.37 15.97 31.25
C GLY O 94 -50.16 17.04 30.56
N LYS O 95 -50.74 16.71 29.41
CA LYS O 95 -51.55 17.67 28.66
C LYS O 95 -53.03 17.53 28.97
N GLU O 96 -53.62 16.38 28.62
CA GLU O 96 -55.04 16.17 28.85
C GLU O 96 -55.35 14.84 29.51
N PHE O 97 -56.60 14.40 29.39
CA PHE O 97 -57.02 13.14 29.97
C PHE O 97 -57.03 12.07 28.91
N VAL O 98 -56.62 10.86 29.28
CA VAL O 98 -56.59 9.76 28.35
C VAL O 98 -57.69 8.77 28.65
N ASN O 99 -58.48 8.41 27.64
CA ASN O 99 -59.53 7.46 27.82
C ASN O 99 -58.99 6.08 27.45
N VAL O 100 -59.09 5.15 28.39
CA VAL O 100 -58.60 3.80 28.17
C VAL O 100 -59.64 2.77 28.62
N GLU O 101 -59.95 1.82 27.73
CA GLU O 101 -60.92 0.78 28.03
C GLU O 101 -60.16 -0.26 28.83
N VAL O 102 -60.60 -0.49 30.06
CA VAL O 102 -59.93 -1.43 30.93
C VAL O 102 -60.25 -2.88 30.61
N LYS O 103 -59.22 -3.63 30.18
CA LYS O 103 -59.34 -5.05 29.84
C LYS O 103 -58.94 -5.85 31.06
N PHE O 104 -59.27 -7.13 31.07
CA PHE O 104 -58.93 -7.97 32.20
C PHE O 104 -57.42 -8.00 32.44
N ASP O 105 -56.65 -7.95 31.36
CA ASP O 105 -55.18 -8.04 31.43
C ASP O 105 -54.43 -6.94 32.15
N MET O 106 -54.99 -5.75 32.18
CA MET O 106 -54.31 -4.63 32.80
C MET O 106 -54.48 -4.51 34.30
N ILE O 107 -54.76 -5.62 34.96
CA ILE O 107 -54.93 -5.60 36.41
C ILE O 107 -53.59 -5.87 37.07
N GLY O 108 -53.41 -5.37 38.28
CA GLY O 108 -52.16 -5.59 38.98
C GLY O 108 -51.08 -4.70 38.42
N LYS O 109 -51.45 -4.01 37.35
CA LYS O 109 -50.55 -3.09 36.67
C LYS O 109 -50.98 -1.65 36.97
N TYR O 110 -50.02 -0.74 36.99
CA TYR O 110 -50.31 0.65 37.30
C TYR O 110 -51.11 1.36 36.22
N LEU O 111 -52.21 1.93 36.67
CA LEU O 111 -53.13 2.68 35.84
C LEU O 111 -52.40 3.67 34.96
N ALA O 112 -51.21 4.07 35.38
CA ALA O 112 -50.39 5.02 34.64
C ALA O 112 -49.77 4.41 33.39
N GLU O 113 -49.57 3.09 33.44
CA GLU O 113 -48.95 2.38 32.33
C GLU O 113 -49.62 2.51 30.96
N PHE O 114 -50.72 3.26 30.89
CA PHE O 114 -51.43 3.38 29.62
C PHE O 114 -51.57 4.83 29.15
N ALA O 115 -51.50 5.75 30.11
CA ALA O 115 -51.60 7.16 29.82
C ALA O 115 -50.23 7.64 29.37
N MET O 116 -49.96 7.49 28.08
CA MET O 116 -48.68 7.89 27.52
C MET O 116 -48.34 9.30 28.00
N THR O 117 -47.17 9.42 28.65
CA THR O 117 -46.72 10.69 29.21
C THR O 117 -45.86 11.52 28.30
N TYR O 118 -45.55 11.00 27.12
CA TYR O 118 -44.71 11.72 26.18
C TYR O 118 -44.83 11.06 24.82
N LYS O 119 -44.79 11.87 23.77
CA LYS O 119 -44.86 11.33 22.43
C LYS O 119 -43.45 11.01 21.97
N PRO O 120 -43.08 9.72 21.86
CA PRO O 120 -41.72 9.37 21.41
C PRO O 120 -41.34 10.09 20.13
N THR O 121 -40.14 9.84 19.62
CA THR O 121 -39.68 10.59 18.46
C THR O 121 -39.72 10.09 17.02
N THR O 122 -40.24 10.95 16.14
CA THR O 122 -40.30 10.73 14.70
C THR O 122 -38.99 11.42 14.33
N HIS O 123 -38.66 11.52 13.04
CA HIS O 123 -37.42 12.21 12.69
C HIS O 123 -37.26 12.76 11.28
N GLY O 124 -36.16 13.48 11.10
CA GLY O 124 -35.85 14.11 9.83
C GLY O 124 -35.10 15.42 10.10
N LYS O 125 -34.34 15.87 9.11
CA LYS O 125 -33.58 17.12 9.24
C LYS O 125 -33.06 17.57 7.88
N ILE W 1 35.03 -47.55 -37.20
CA ILE W 1 34.27 -46.33 -37.42
C ILE W 1 33.70 -46.25 -38.83
N THR W 2 32.74 -47.13 -39.14
CA THR W 2 32.15 -47.21 -40.46
C THR W 2 33.08 -46.63 -41.52
N SER W 3 34.22 -47.27 -41.69
CA SER W 3 35.22 -46.83 -42.65
C SER W 3 35.89 -48.04 -43.31
N SER W 4 36.87 -47.77 -44.18
CA SER W 4 37.58 -48.82 -44.88
C SER W 4 38.00 -49.90 -43.90
N GLN W 5 38.47 -49.47 -42.73
CA GLN W 5 39.07 -50.35 -41.73
C GLN W 5 38.14 -51.47 -41.20
N VAL W 6 36.90 -51.49 -41.67
CA VAL W 6 35.98 -52.55 -41.29
C VAL W 6 36.58 -53.92 -41.62
N ARG W 7 37.20 -54.01 -42.78
CA ARG W 7 37.87 -55.23 -43.21
C ARG W 7 39.26 -55.32 -42.60
N GLU W 8 39.58 -54.39 -41.71
CA GLU W 8 40.78 -54.50 -40.90
C GLU W 8 40.37 -55.13 -39.57
N HIS W 9 39.11 -54.93 -39.21
CA HIS W 9 38.52 -55.63 -38.08
C HIS W 9 38.10 -57.03 -38.50
N VAL W 10 37.92 -57.22 -39.81
CA VAL W 10 37.49 -58.51 -40.36
C VAL W 10 38.62 -59.24 -41.09
N LYS W 11 38.92 -58.80 -42.31
CA LYS W 11 39.93 -59.47 -43.14
C LYS W 11 41.31 -59.49 -42.50
N GLU W 12 41.84 -58.30 -42.18
CA GLU W 12 43.15 -58.18 -41.55
C GLU W 12 43.10 -58.73 -40.13
N LEU W 13 41.90 -58.82 -39.57
CA LEU W 13 41.71 -59.39 -38.24
C LEU W 13 40.89 -60.67 -38.35
N LEU W 14 41.56 -61.74 -38.78
CA LEU W 14 40.91 -63.04 -38.95
C LEU W 14 41.90 -64.19 -38.82
N LYS W 15 43.16 -63.85 -38.56
CA LYS W 15 44.21 -64.85 -38.39
C LYS W 15 45.33 -64.31 -37.51
N TYR W 16 44.95 -63.58 -36.48
CA TYR W 16 45.91 -62.95 -35.59
C TYR W 16 46.60 -63.96 -34.68
N SER W 17 45.79 -64.81 -34.03
CA SER W 17 46.31 -65.82 -33.14
C SER W 17 47.26 -65.25 -32.09
N ASN W 18 48.07 -66.11 -31.49
CA ASN W 18 49.03 -65.69 -30.48
C ASN W 18 50.14 -66.71 -30.27
N GLU W 19 50.54 -67.39 -31.34
CA GLU W 19 51.58 -68.42 -31.25
C GLU W 19 52.22 -68.75 -32.59
N THR W 20 51.94 -69.95 -33.11
CA THR W 20 52.61 -70.44 -34.31
C THR W 20 51.73 -70.40 -35.57
N LYS W 21 51.67 -71.53 -36.28
CA LYS W 21 50.96 -71.60 -37.55
C LYS W 21 49.55 -71.02 -37.50
N LYS W 22 48.57 -71.85 -37.16
CA LYS W 22 47.17 -71.41 -37.07
C LYS W 22 46.24 -72.48 -36.50
N ARG W 23 46.81 -73.47 -35.82
CA ARG W 23 46.06 -74.52 -35.12
C ARG W 23 45.69 -75.72 -36.00
N ASN W 24 44.55 -76.34 -35.69
CA ASN W 24 44.09 -77.53 -36.43
C ASN W 24 42.62 -77.88 -36.14
N PHE W 25 41.91 -77.00 -35.43
CA PHE W 25 40.51 -77.23 -35.11
C PHE W 25 39.60 -76.12 -35.62
N LEU W 26 38.29 -76.32 -35.51
CA LEU W 26 37.30 -75.40 -36.08
C LEU W 26 37.43 -73.96 -35.57
N GLU W 27 36.70 -73.04 -36.21
CA GLU W 27 36.77 -71.62 -35.87
C GLU W 27 35.51 -71.11 -35.18
N THR W 28 35.50 -69.83 -34.82
CA THR W 28 34.37 -69.24 -34.11
C THR W 28 34.42 -67.70 -34.12
N VAL W 29 33.79 -67.09 -35.12
CA VAL W 29 33.78 -65.64 -35.25
C VAL W 29 32.37 -65.06 -35.14
N GLU W 30 32.28 -63.73 -35.17
CA GLU W 30 30.98 -63.04 -35.10
C GLU W 30 31.12 -61.55 -35.41
N LEU W 31 30.24 -60.74 -34.84
CA LEU W 31 30.26 -59.30 -35.06
C LEU W 31 29.41 -58.58 -34.02
N GLN W 32 30.09 -58.02 -33.02
CA GLN W 32 29.40 -57.46 -31.85
C GLN W 32 28.65 -56.16 -32.14
N VAL W 33 27.58 -55.94 -31.38
CA VAL W 33 26.76 -54.74 -31.50
C VAL W 33 25.83 -54.59 -30.29
N GLY W 34 24.52 -54.59 -30.52
CA GLY W 34 23.55 -54.43 -29.44
C GLY W 34 22.11 -54.76 -29.81
N LEU W 35 21.18 -54.01 -29.23
CA LEU W 35 19.75 -54.24 -29.45
C LEU W 35 19.01 -52.97 -29.90
N LYS W 36 19.38 -51.85 -29.28
CA LYS W 36 18.82 -50.54 -29.63
C LYS W 36 19.16 -49.50 -28.55
N ASN W 37 19.51 -49.99 -27.37
CA ASN W 37 19.89 -49.14 -26.24
C ASN W 37 18.79 -48.17 -25.84
N TYR W 38 17.59 -48.38 -26.36
CA TYR W 38 16.46 -47.52 -26.07
C TYR W 38 16.12 -47.56 -24.58
N ASP W 39 15.29 -48.52 -24.20
CA ASP W 39 14.89 -48.69 -22.81
C ASP W 39 14.10 -49.98 -22.63
N PRO W 40 14.16 -50.85 -23.64
CA PRO W 40 13.46 -52.13 -23.60
C PRO W 40 11.98 -51.96 -23.30
N GLN W 41 11.30 -51.12 -24.08
CA GLN W 41 9.88 -50.86 -23.88
C GLN W 41 9.26 -50.08 -25.04
N ARG W 42 9.30 -48.76 -24.94
CA ARG W 42 8.67 -47.88 -25.92
C ARG W 42 8.91 -48.33 -27.36
N ASP W 43 10.12 -48.13 -27.85
CA ASP W 43 10.47 -48.49 -29.21
C ASP W 43 11.96 -48.81 -29.34
N LYS W 44 12.27 -49.92 -30.01
CA LYS W 44 13.66 -50.35 -30.18
C LYS W 44 13.80 -51.53 -31.13
N ARG W 45 12.67 -52.17 -31.46
CA ARG W 45 12.67 -53.35 -32.33
C ARG W 45 11.31 -53.65 -32.98
N PHE W 46 11.27 -54.71 -33.79
CA PHE W 46 10.06 -55.08 -34.51
C PHE W 46 10.14 -56.53 -35.03
N SER W 47 10.47 -56.68 -36.30
CA SER W 47 10.55 -57.99 -36.93
C SER W 47 11.40 -57.98 -38.20
N GLY W 48 12.09 -59.09 -38.45
CA GLY W 48 12.95 -59.23 -39.61
C GLY W 48 14.37 -59.64 -39.23
N SER W 49 14.82 -60.77 -39.78
CA SER W 49 16.16 -61.28 -39.49
C SER W 49 17.21 -60.66 -40.40
N LEU W 50 18.49 -60.91 -40.10
CA LEU W 50 19.58 -60.30 -40.88
C LEU W 50 20.07 -61.14 -42.05
N LYS W 51 20.85 -62.21 -41.83
CA LYS W 51 21.40 -62.62 -40.54
C LYS W 51 22.91 -62.48 -40.65
N LEU W 52 23.71 -62.63 -39.58
CA LEU W 52 23.33 -63.01 -38.20
C LEU W 52 23.25 -64.52 -38.00
N PRO W 53 22.18 -64.97 -37.33
CA PRO W 53 21.97 -66.39 -37.05
C PRO W 53 22.83 -66.91 -35.89
N ASN W 54 22.16 -67.32 -34.82
CA ASN W 54 22.81 -67.90 -33.66
C ASN W 54 21.78 -68.39 -32.66
N CYS W 55 22.07 -68.23 -31.36
CA CYS W 55 21.15 -68.63 -30.31
C CYS W 55 21.63 -68.16 -28.95
N PRO W 56 22.10 -69.10 -28.14
CA PRO W 56 22.48 -68.79 -26.76
C PRO W 56 23.93 -68.37 -26.63
N ARG W 57 24.82 -69.36 -26.65
CA ARG W 57 26.26 -69.19 -26.37
C ARG W 57 26.56 -69.55 -24.91
N PRO W 58 25.60 -69.29 -24.04
CA PRO W 58 25.71 -69.63 -22.61
C PRO W 58 24.45 -69.24 -21.86
N ASN W 59 23.67 -70.24 -21.44
CA ASN W 59 22.44 -70.02 -20.67
C ASN W 59 21.40 -69.24 -21.46
N MET W 60 20.15 -69.25 -20.99
CA MET W 60 19.07 -68.57 -21.69
C MET W 60 17.87 -68.24 -20.79
N SER W 61 17.94 -68.65 -19.53
CA SER W 61 16.88 -68.31 -18.57
C SER W 61 16.64 -66.81 -18.60
N ILE W 62 15.46 -66.40 -19.08
CA ILE W 62 15.16 -64.98 -19.28
C ILE W 62 14.08 -64.45 -18.32
N CYS W 63 12.83 -64.38 -18.79
CA CYS W 63 11.75 -63.83 -18.00
C CYS W 63 10.35 -64.19 -18.54
N ILE W 64 9.50 -64.74 -17.68
CA ILE W 64 8.13 -65.06 -18.05
C ILE W 64 7.31 -65.48 -16.82
N PHE W 65 6.35 -64.65 -16.45
CA PHE W 65 5.51 -64.92 -15.28
C PHE W 65 4.40 -63.89 -15.10
N GLY W 66 3.41 -64.25 -14.30
CA GLY W 66 2.28 -63.37 -14.04
C GLY W 66 1.30 -63.99 -13.06
N ASP W 67 0.70 -65.12 -13.44
CA ASP W 67 -0.26 -65.81 -12.60
C ASP W 67 0.22 -67.23 -12.27
N ALA W 68 -0.61 -67.98 -11.55
CA ALA W 68 -0.28 -69.36 -11.19
C ALA W 68 -0.13 -70.22 -12.43
N PHE W 69 -0.54 -69.67 -13.57
CA PHE W 69 -0.46 -70.38 -14.84
C PHE W 69 0.78 -69.98 -15.62
N ASP W 70 1.54 -69.02 -15.09
CA ASP W 70 2.76 -68.56 -15.73
C ASP W 70 3.96 -69.40 -15.33
N VAL W 71 3.79 -70.19 -14.27
CA VAL W 71 4.83 -71.10 -13.81
C VAL W 71 5.03 -72.21 -14.84
N ASP W 72 3.93 -72.83 -15.24
CA ASP W 72 3.97 -73.84 -16.29
C ASP W 72 4.39 -73.17 -17.59
N ARG W 73 4.36 -71.85 -17.59
CA ARG W 73 4.90 -71.06 -18.69
C ARG W 73 6.39 -70.84 -18.44
N ALA W 74 6.99 -71.78 -17.73
CA ALA W 74 8.42 -71.74 -17.42
C ALA W 74 8.85 -73.05 -16.75
N LYS W 75 8.10 -74.12 -17.00
CA LYS W 75 8.35 -75.42 -16.37
C LYS W 75 9.07 -76.39 -17.30
N SER W 76 8.53 -76.59 -18.49
CA SER W 76 9.16 -77.46 -19.49
C SER W 76 10.32 -76.75 -20.16
N CYS W 77 10.82 -75.70 -19.52
CA CYS W 77 11.94 -74.92 -20.03
C CYS W 77 12.80 -74.39 -18.89
N GLY W 78 12.61 -73.12 -18.54
CA GLY W 78 13.35 -72.51 -17.44
C GLY W 78 13.39 -70.99 -17.48
N VAL W 79 12.69 -70.36 -16.52
CA VAL W 79 12.62 -68.91 -16.48
C VAL W 79 12.53 -68.37 -15.04
N ASP W 80 12.14 -67.10 -14.92
CA ASP W 80 12.06 -66.44 -13.62
C ASP W 80 10.62 -66.31 -13.12
N ALA W 81 10.45 -65.95 -11.86
CA ALA W 81 9.14 -65.89 -11.24
C ALA W 81 8.72 -64.47 -10.86
N MET W 82 7.46 -64.15 -11.13
CA MET W 82 6.89 -62.84 -10.82
C MET W 82 6.11 -62.90 -9.51
N SER W 83 5.78 -64.12 -9.11
CA SER W 83 5.02 -64.36 -7.88
C SER W 83 3.59 -63.85 -8.00
N VAL W 84 2.75 -64.29 -7.07
CA VAL W 84 1.36 -63.86 -7.02
C VAL W 84 1.16 -62.82 -5.93
N ASP W 85 1.41 -63.21 -4.68
CA ASP W 85 1.29 -62.31 -3.55
C ASP W 85 2.56 -61.51 -3.35
N ASP W 86 2.96 -60.77 -4.37
CA ASP W 86 4.17 -59.94 -4.33
C ASP W 86 3.98 -58.62 -5.06
N LEU W 87 3.05 -58.59 -6.01
CA LEU W 87 2.76 -57.37 -6.75
C LEU W 87 2.01 -56.36 -5.86
N LYS W 88 1.81 -56.75 -4.61
CA LYS W 88 1.16 -55.88 -3.63
C LYS W 88 2.05 -55.72 -2.41
N LYS W 89 3.35 -56.00 -2.58
CA LYS W 89 4.30 -55.93 -1.49
C LYS W 89 5.75 -55.86 -1.97
N LEU W 90 6.15 -56.84 -2.77
CA LEU W 90 7.53 -56.94 -3.25
C LEU W 90 7.68 -57.88 -4.45
N ASN W 91 7.24 -57.43 -5.61
CA ASN W 91 7.50 -58.13 -6.87
C ASN W 91 8.13 -57.14 -7.83
N LYS W 92 8.51 -55.99 -7.31
CA LYS W 92 9.06 -54.91 -8.11
C LYS W 92 9.47 -53.71 -7.25
N ASN W 93 10.61 -53.10 -7.61
CA ASN W 93 11.10 -51.90 -6.92
C ASN W 93 12.45 -51.48 -7.47
N LYS W 94 13.43 -52.37 -7.34
CA LYS W 94 14.78 -52.12 -7.84
C LYS W 94 15.51 -53.44 -8.10
N LYS W 95 15.74 -54.20 -7.03
CA LYS W 95 16.33 -55.53 -7.16
C LYS W 95 15.22 -56.58 -7.18
N LEU W 96 13.98 -56.09 -7.18
CA LEU W 96 12.81 -56.96 -7.18
C LEU W 96 12.30 -57.20 -8.60
N ILE W 97 11.68 -56.19 -9.20
CA ILE W 97 11.22 -56.30 -10.58
C ILE W 97 12.37 -56.82 -11.43
N LYS W 98 13.59 -56.42 -11.04
CA LYS W 98 14.80 -56.96 -11.63
C LYS W 98 14.69 -58.48 -11.64
N LYS W 99 14.89 -59.09 -10.48
CA LYS W 99 14.81 -60.53 -10.32
C LYS W 99 14.05 -61.24 -11.44
N LEU W 100 12.77 -60.90 -11.61
CA LEU W 100 11.92 -61.57 -12.59
C LEU W 100 12.20 -61.12 -14.01
N SER W 101 12.56 -59.84 -14.18
CA SER W 101 12.78 -59.29 -15.51
C SER W 101 14.26 -59.05 -15.79
N LYS W 102 15.12 -59.41 -14.84
CA LYS W 102 16.56 -59.15 -14.96
C LYS W 102 17.37 -60.44 -15.06
N LYS W 103 17.56 -60.93 -16.28
CA LYS W 103 18.33 -62.15 -16.52
C LYS W 103 19.48 -61.90 -17.48
N TYR W 104 19.17 -61.88 -18.77
CA TYR W 104 20.16 -61.62 -19.80
C TYR W 104 19.47 -61.34 -21.13
N ASN W 105 18.55 -62.22 -21.49
CA ASN W 105 17.82 -62.11 -22.75
C ASN W 105 16.91 -60.90 -22.77
N ALA W 106 15.74 -61.04 -22.14
CA ALA W 106 14.76 -59.96 -22.09
C ALA W 106 13.52 -60.37 -21.30
N PHE W 107 12.45 -60.72 -22.02
CA PHE W 107 11.20 -61.15 -21.41
C PHE W 107 10.28 -61.79 -22.44
N ILE W 108 9.47 -62.74 -21.98
CA ILE W 108 8.55 -63.45 -22.87
C ILE W 108 7.26 -63.84 -22.16
N ALA W 109 6.91 -63.09 -21.11
CA ALA W 109 5.69 -63.33 -20.36
C ALA W 109 4.50 -62.68 -21.05
N SER W 110 3.38 -62.58 -20.31
CA SER W 110 2.18 -61.95 -20.83
C SER W 110 1.92 -60.60 -20.16
N GLU W 111 0.65 -60.28 -19.95
CA GLU W 111 0.27 -58.99 -19.38
C GLU W 111 -0.85 -59.08 -18.35
N VAL W 112 -0.77 -58.21 -17.34
CA VAL W 112 -1.76 -58.14 -16.28
C VAL W 112 -1.25 -57.20 -15.18
N LEU W 113 -1.76 -55.97 -15.15
CA LEU W 113 -1.23 -54.95 -14.24
C LEU W 113 -2.29 -54.06 -13.59
N ILE W 114 -3.15 -53.47 -14.41
CA ILE W 114 -4.16 -52.51 -13.94
C ILE W 114 -3.56 -51.13 -13.68
N LYS W 115 -3.86 -50.54 -12.53
CA LYS W 115 -3.41 -49.18 -12.22
C LYS W 115 -2.05 -49.11 -11.54
N GLN W 116 -1.19 -50.10 -11.81
CA GLN W 116 0.12 -50.16 -11.18
C GLN W 116 1.24 -50.48 -12.16
N VAL W 117 1.94 -49.46 -12.63
CA VAL W 117 3.07 -49.64 -13.55
C VAL W 117 3.77 -48.33 -13.93
N PRO W 118 3.51 -47.26 -13.18
CA PRO W 118 4.12 -45.96 -13.46
C PRO W 118 5.31 -45.71 -12.54
N ARG W 119 5.60 -46.68 -11.68
CA ARG W 119 6.74 -46.61 -10.76
C ARG W 119 6.79 -47.82 -9.83
N LEU W 120 6.80 -49.02 -10.41
CA LEU W 120 6.85 -50.26 -9.63
C LEU W 120 7.08 -51.49 -10.49
N LEU W 121 6.03 -52.27 -10.71
CA LEU W 121 6.12 -53.51 -11.47
C LEU W 121 6.59 -53.27 -12.89
N GLY W 122 5.64 -53.04 -13.80
CA GLY W 122 5.95 -52.82 -15.20
C GLY W 122 6.98 -51.74 -15.40
N PRO W 123 6.92 -50.71 -14.56
CA PRO W 123 7.86 -49.60 -14.65
C PRO W 123 9.29 -50.04 -14.36
N GLN W 124 9.71 -49.90 -13.11
CA GLN W 124 11.08 -50.19 -12.69
C GLN W 124 11.58 -51.55 -13.21
N LEU W 125 12.13 -51.55 -14.42
CA LEU W 125 12.67 -52.75 -15.04
C LEU W 125 13.02 -52.51 -16.50
N SER W 126 12.33 -51.55 -17.11
CA SER W 126 12.47 -51.26 -18.54
C SER W 126 13.90 -51.34 -19.03
N LYS W 127 14.59 -50.20 -19.04
CA LYS W 127 15.97 -50.13 -19.51
C LYS W 127 16.88 -51.01 -18.67
N ALA W 128 16.36 -51.49 -17.54
CA ALA W 128 17.10 -52.43 -16.72
C ALA W 128 17.30 -53.72 -17.52
N GLY W 129 16.24 -54.19 -18.17
CA GLY W 129 16.32 -55.36 -19.00
C GLY W 129 15.00 -56.00 -19.37
N LYS W 130 13.89 -55.28 -19.18
CA LYS W 130 12.56 -55.79 -19.54
C LYS W 130 11.42 -54.83 -19.22
N PHE W 131 10.40 -54.83 -20.07
CA PHE W 131 9.20 -54.01 -19.86
C PHE W 131 8.11 -54.36 -20.86
N PRO W 132 7.69 -55.62 -20.88
CA PRO W 132 6.61 -56.08 -21.75
C PRO W 132 6.93 -55.92 -23.24
N THR W 133 7.59 -56.91 -23.82
CA THR W 133 7.97 -56.87 -25.22
C THR W 133 7.11 -57.81 -26.07
N PRO W 134 7.48 -57.96 -27.34
CA PRO W 134 6.71 -58.79 -28.27
C PRO W 134 7.21 -60.23 -28.29
N VAL W 135 6.58 -61.07 -27.48
CA VAL W 135 6.93 -62.49 -27.43
C VAL W 135 5.70 -63.37 -27.65
N SER W 136 4.87 -62.98 -28.61
CA SER W 136 3.63 -63.69 -28.93
C SER W 136 3.00 -64.37 -27.72
N HIS W 137 2.91 -63.63 -26.62
CA HIS W 137 2.35 -64.18 -25.39
C HIS W 137 0.85 -64.41 -25.51
N ASN W 138 0.47 -65.62 -25.88
CA ASN W 138 -0.93 -65.98 -26.02
C ASN W 138 -1.11 -67.49 -25.91
N ASP W 139 -0.25 -68.24 -26.60
CA ASP W 139 -0.23 -69.69 -26.49
C ASP W 139 0.71 -70.12 -25.36
N ASP W 140 1.78 -69.34 -25.17
CA ASP W 140 2.72 -69.53 -24.07
C ASP W 140 3.98 -68.66 -24.23
N LEU W 141 5.13 -69.29 -24.04
CA LEU W 141 6.42 -68.60 -24.19
C LEU W 141 7.49 -69.56 -24.72
N TYR W 142 7.13 -70.34 -25.73
CA TYR W 142 8.04 -71.32 -26.32
C TYR W 142 8.12 -71.19 -27.84
N GLY W 143 6.96 -71.19 -28.50
CA GLY W 143 6.89 -71.02 -29.93
C GLY W 143 7.44 -69.66 -30.33
N LYS W 144 7.04 -68.64 -29.58
CA LYS W 144 7.59 -67.31 -29.73
C LYS W 144 8.92 -67.23 -29.00
N VAL W 145 9.26 -68.30 -28.29
CA VAL W 145 10.57 -68.41 -27.67
C VAL W 145 11.55 -68.99 -28.70
N THR W 146 11.09 -69.11 -29.94
CA THR W 146 11.98 -69.27 -31.08
C THR W 146 12.61 -67.89 -31.23
N ASP W 147 11.92 -66.91 -30.67
CA ASP W 147 12.45 -65.56 -30.48
C ASP W 147 12.79 -65.40 -29.00
N VAL W 148 13.43 -66.43 -28.44
CA VAL W 148 13.82 -66.42 -27.03
C VAL W 148 14.52 -67.72 -26.59
N ARG W 149 15.23 -68.34 -27.51
CA ARG W 149 15.97 -69.57 -27.22
C ARG W 149 16.91 -69.96 -28.35
N SER W 150 16.33 -70.35 -29.49
CA SER W 150 17.12 -70.76 -30.65
C SER W 150 16.44 -70.38 -31.95
N THR W 151 17.23 -69.98 -32.94
CA THR W 151 16.71 -69.60 -34.25
C THR W 151 15.66 -68.49 -34.19
N ILE W 152 16.08 -67.22 -34.25
CA ILE W 152 17.47 -66.77 -34.37
C ILE W 152 18.18 -67.16 -35.67
N LYS W 153 18.49 -66.18 -36.53
CA LYS W 153 18.27 -64.76 -36.29
C LYS W 153 19.00 -64.25 -35.04
N PHE W 154 18.50 -63.16 -34.46
CA PHE W 154 19.12 -62.57 -33.28
C PHE W 154 18.20 -61.58 -32.57
N GLN W 155 17.21 -62.10 -31.86
CA GLN W 155 16.32 -61.26 -31.06
C GLN W 155 17.14 -60.43 -30.08
N LEU W 156 17.19 -59.12 -30.31
CA LEU W 156 18.01 -58.22 -29.49
C LEU W 156 17.15 -57.30 -28.63
N LYS W 157 17.01 -57.65 -27.36
CA LYS W 157 16.18 -56.88 -26.43
C LYS W 157 16.83 -56.73 -25.05
N LYS W 158 16.04 -56.24 -24.10
CA LYS W 158 16.50 -56.04 -22.72
C LYS W 158 17.66 -55.06 -22.64
N VAL W 159 18.84 -55.57 -22.30
CA VAL W 159 20.05 -54.76 -22.20
C VAL W 159 21.06 -55.16 -23.27
N LEU W 160 21.17 -54.36 -24.32
CA LEU W 160 22.07 -54.66 -25.43
C LEU W 160 21.77 -56.03 -26.03
N CYS W 161 22.83 -56.80 -26.29
CA CYS W 161 22.70 -58.19 -26.74
C CYS W 161 22.27 -58.38 -28.20
N LEU W 162 22.87 -59.36 -28.86
CA LEU W 162 22.55 -59.73 -30.24
C LEU W 162 23.50 -60.83 -30.73
N ALA W 163 23.56 -61.03 -32.05
CA ALA W 163 24.40 -62.10 -32.61
C ALA W 163 24.95 -61.80 -34.01
N VAL W 164 25.71 -62.74 -34.57
CA VAL W 164 26.33 -62.58 -35.88
C VAL W 164 27.03 -63.86 -36.32
N ALA W 165 27.24 -63.99 -37.64
CA ALA W 165 27.93 -65.14 -38.21
C ALA W 165 27.92 -65.09 -39.74
N VAL W 166 28.89 -65.76 -40.38
CA VAL W 166 28.93 -65.83 -41.84
C VAL W 166 29.68 -67.08 -42.33
N GLY W 167 30.95 -67.19 -41.97
CA GLY W 167 31.78 -68.29 -42.41
C GLY W 167 32.40 -69.08 -41.28
N ASN W 168 33.52 -69.75 -41.55
CA ASN W 168 34.18 -70.59 -40.57
C ASN W 168 35.54 -70.06 -40.15
N VAL W 169 36.58 -70.53 -40.82
CA VAL W 169 37.96 -70.16 -40.48
C VAL W 169 38.44 -68.95 -41.28
N GLU W 170 38.72 -69.15 -42.56
CA GLU W 170 39.23 -68.07 -43.40
C GLU W 170 38.77 -68.16 -44.86
N MET W 171 37.87 -67.25 -45.24
CA MET W 171 37.37 -67.19 -46.61
C MET W 171 36.43 -65.99 -46.81
N GLU W 172 36.62 -64.95 -46.00
CA GLU W 172 35.77 -63.76 -46.07
C GLU W 172 36.56 -62.46 -45.85
N GLU W 173 36.22 -61.43 -46.62
CA GLU W 173 36.88 -60.13 -46.51
C GLU W 173 35.90 -58.96 -46.63
N ASP W 174 35.67 -58.49 -47.85
CA ASP W 174 34.69 -57.45 -48.09
C ASP W 174 33.33 -57.94 -47.58
N VAL W 175 33.11 -59.24 -47.70
CA VAL W 175 31.90 -59.87 -47.21
C VAL W 175 32.10 -60.45 -45.82
N LEU W 176 33.26 -60.16 -45.21
CA LEU W 176 33.51 -60.52 -43.83
C LEU W 176 33.03 -59.39 -42.94
N VAL W 177 33.52 -58.18 -43.22
CA VAL W 177 33.01 -56.99 -42.56
C VAL W 177 31.62 -56.73 -43.09
N ASN W 178 31.47 -56.91 -44.40
CA ASN W 178 30.17 -56.81 -45.05
C ASN W 178 29.33 -58.03 -44.73
N GLN W 179 29.90 -58.96 -43.97
CA GLN W 179 29.16 -60.10 -43.44
C GLN W 179 28.71 -59.76 -42.03
N ILE W 180 29.50 -58.93 -41.36
CA ILE W 180 29.18 -58.44 -40.03
C ILE W 180 28.00 -57.49 -40.13
N LEU W 181 28.02 -56.65 -41.15
CA LEU W 181 26.89 -55.77 -41.43
C LEU W 181 25.68 -56.63 -41.77
N MET W 182 25.89 -57.60 -42.66
CA MET W 182 24.83 -58.57 -42.98
C MET W 182 24.37 -59.22 -41.70
N SER W 183 25.29 -59.36 -40.75
CA SER W 183 24.95 -59.84 -39.42
C SER W 183 24.39 -58.69 -38.61
N VAL W 184 23.49 -57.93 -39.24
CA VAL W 184 22.85 -56.78 -38.64
C VAL W 184 21.73 -56.32 -39.56
N ASN W 185 20.56 -56.08 -38.98
CA ASN W 185 19.39 -55.66 -39.76
C ASN W 185 18.53 -54.67 -38.97
N PHE W 186 17.43 -55.17 -38.40
CA PHE W 186 16.58 -54.34 -37.55
C PHE W 186 17.32 -54.06 -36.25
N PHE W 187 18.65 -54.17 -36.31
CA PHE W 187 19.51 -53.87 -35.18
C PHE W 187 20.61 -52.88 -35.57
N VAL W 188 20.84 -52.75 -36.88
CA VAL W 188 21.75 -51.73 -37.40
C VAL W 188 20.99 -50.58 -38.05
N SER W 189 19.80 -50.91 -38.56
CA SER W 189 18.91 -49.93 -39.18
C SER W 189 17.45 -50.41 -39.13
N LEU W 190 16.53 -49.62 -39.66
CA LEU W 190 15.12 -49.99 -39.67
C LEU W 190 14.25 -49.05 -40.50
N LEU W 191 13.14 -48.59 -39.91
CA LEU W 191 12.19 -47.73 -40.61
C LEU W 191 12.72 -46.31 -40.77
N LYS W 192 11.91 -45.33 -40.39
CA LYS W 192 12.27 -43.92 -40.56
C LYS W 192 13.60 -43.60 -39.90
N LYS W 193 14.63 -43.46 -40.73
CA LYS W 193 15.96 -43.09 -40.26
C LYS W 193 16.49 -44.03 -39.18
N ASN W 194 17.58 -44.74 -39.49
CA ASN W 194 18.18 -45.66 -38.52
C ASN W 194 19.53 -46.24 -38.97
N TRP W 195 20.21 -45.56 -39.88
CA TRP W 195 21.49 -46.05 -40.40
C TRP W 195 22.59 -46.08 -39.33
N GLN W 196 22.33 -45.44 -38.19
CA GLN W 196 23.29 -45.39 -37.09
C GLN W 196 22.73 -44.67 -35.85
N ASN W 197 23.02 -45.20 -34.66
CA ASN W 197 22.55 -44.61 -33.42
C ASN W 197 23.33 -45.11 -32.21
N VAL W 198 24.62 -44.82 -32.17
CA VAL W 198 25.48 -45.28 -31.07
C VAL W 198 26.75 -44.45 -30.93
N GLY W 199 27.89 -45.12 -30.82
CA GLY W 199 29.17 -44.46 -30.68
C GLY W 199 30.33 -45.37 -31.04
N SER W 200 30.27 -46.62 -30.56
CA SER W 200 31.30 -47.61 -30.86
C SER W 200 30.82 -49.01 -30.45
N LEU W 201 31.77 -49.93 -30.28
CA LEU W 201 31.45 -51.30 -29.89
C LEU W 201 32.70 -52.17 -29.84
N VAL W 202 32.55 -53.42 -30.26
CA VAL W 202 33.66 -54.37 -30.27
C VAL W 202 33.39 -55.52 -31.25
N VAL W 203 34.38 -56.39 -31.42
CA VAL W 203 34.27 -57.57 -32.29
C VAL W 203 35.60 -58.30 -32.44
N LYS W 204 35.55 -59.53 -32.93
CA LYS W 204 36.74 -60.35 -33.15
C LYS W 204 36.40 -61.75 -33.65
N SER W 205 36.53 -62.72 -32.75
CA SER W 205 36.29 -64.12 -33.05
C SER W 205 36.87 -64.96 -31.92
N SER W 206 38.14 -64.71 -31.66
CA SER W 206 38.89 -65.40 -30.62
C SER W 206 40.32 -64.89 -30.67
N MET W 207 40.68 -64.34 -31.83
CA MET W 207 42.01 -63.82 -32.08
C MET W 207 42.35 -62.66 -31.14
N GLY W 208 42.33 -61.45 -31.69
CA GLY W 208 42.63 -60.26 -30.93
C GLY W 208 41.97 -59.03 -31.52
N PRO W 209 41.02 -58.48 -30.78
CA PRO W 209 40.34 -57.25 -31.17
C PRO W 209 39.77 -57.30 -32.58
N ALA W 210 39.49 -56.12 -33.12
CA ALA W 210 38.98 -55.99 -34.49
C ALA W 210 39.30 -54.61 -35.01
N PHE W 211 38.37 -53.68 -34.85
CA PHE W 211 38.58 -52.30 -35.22
C PHE W 211 39.33 -51.59 -34.09
N ARG W 212 40.46 -50.96 -34.42
CA ARG W 212 41.29 -50.30 -33.41
C ARG W 212 40.93 -48.84 -33.19
N LEU W 213 39.74 -48.44 -33.65
CA LEU W 213 39.26 -47.08 -33.49
C LEU W 213 38.85 -46.79 -32.05
N VAL X 1 -18.30 -27.64 -39.26
CA VAL X 1 -19.08 -27.35 -38.07
C VAL X 1 -19.26 -28.59 -37.17
N ASN X 2 -18.19 -29.03 -36.51
CA ASN X 2 -18.20 -30.30 -35.76
C ASN X 2 -18.47 -31.49 -36.69
N VAL X 3 -17.40 -32.15 -37.16
CA VAL X 3 -17.48 -33.20 -38.20
C VAL X 3 -17.33 -34.61 -37.66
N PRO X 4 -16.39 -34.79 -36.73
CA PRO X 4 -16.04 -36.11 -36.23
C PRO X 4 -14.95 -36.70 -37.11
N LYS X 5 -13.76 -36.89 -36.51
CA LYS X 5 -12.59 -37.35 -37.24
C LYS X 5 -12.93 -38.50 -38.17
N THR X 6 -13.00 -39.70 -37.61
CA THR X 6 -13.26 -40.88 -38.40
C THR X 6 -14.64 -41.46 -38.10
N ARG X 7 -15.42 -41.70 -39.14
CA ARG X 7 -16.74 -42.32 -39.00
C ARG X 7 -17.09 -43.22 -40.18
N LYS X 8 -17.53 -44.44 -39.86
CA LYS X 8 -17.84 -45.44 -40.86
C LYS X 8 -18.81 -44.91 -41.91
N THR X 9 -18.26 -44.32 -42.97
CA THR X 9 -19.07 -43.84 -44.09
C THR X 9 -19.02 -44.83 -45.26
N TYR X 10 -19.54 -46.04 -45.01
CA TYR X 10 -19.51 -47.16 -45.96
C TYR X 10 -18.30 -47.12 -46.90
N CYS X 11 -18.50 -46.53 -48.08
CA CYS X 11 -17.43 -46.31 -49.05
C CYS X 11 -17.03 -47.59 -49.80
N LYS X 12 -15.73 -47.73 -50.08
CA LYS X 12 -15.17 -48.89 -50.76
C LYS X 12 -13.71 -48.63 -51.10
N GLY X 13 -13.37 -48.76 -52.37
CA GLY X 13 -12.02 -48.39 -52.87
C GLY X 13 -11.77 -48.74 -54.34
N LYS X 14 -11.92 -50.01 -54.73
CA LYS X 14 -12.38 -51.07 -53.85
C LYS X 14 -11.25 -51.97 -53.34
N THR X 15 -11.17 -53.19 -53.87
CA THR X 15 -10.31 -54.20 -53.26
C THR X 15 -10.63 -54.16 -51.78
N CYS X 16 -11.90 -53.90 -51.50
CA CYS X 16 -12.38 -53.73 -50.14
C CYS X 16 -13.90 -53.75 -50.15
N ARG X 17 -14.50 -52.60 -50.44
CA ARG X 17 -15.96 -52.47 -50.44
C ARG X 17 -16.55 -52.69 -49.04
N LYS X 18 -17.83 -52.34 -48.89
CA LYS X 18 -18.51 -52.30 -47.60
C LYS X 18 -18.20 -51.04 -46.80
N HIS X 19 -18.16 -51.14 -45.48
CA HIS X 19 -17.80 -49.98 -44.68
C HIS X 19 -16.32 -50.00 -44.30
N THR X 20 -15.91 -49.02 -43.50
CA THR X 20 -14.54 -48.93 -43.03
C THR X 20 -14.30 -47.55 -42.43
N GLN X 21 -13.98 -47.52 -41.13
CA GLN X 21 -13.66 -46.25 -40.49
C GLN X 21 -12.57 -45.53 -41.29
N HIS X 22 -12.79 -44.25 -41.54
CA HIS X 22 -11.86 -43.46 -42.35
C HIS X 22 -11.37 -42.21 -41.62
N LYS X 23 -10.06 -42.11 -41.39
CA LYS X 23 -9.49 -40.92 -40.79
C LYS X 23 -9.62 -39.79 -41.80
N VAL X 24 -10.48 -38.84 -41.48
CA VAL X 24 -10.90 -37.83 -42.46
C VAL X 24 -10.43 -36.39 -42.19
N THR X 25 -9.29 -36.03 -42.78
CA THR X 25 -8.79 -34.66 -42.70
C THR X 25 -9.38 -33.86 -43.86
N GLN X 26 -9.30 -32.54 -43.78
CA GLN X 26 -9.71 -31.72 -44.89
C GLN X 26 -8.49 -31.41 -45.77
N TYR X 27 -8.71 -30.99 -47.02
CA TYR X 27 -7.61 -30.83 -47.99
C TYR X 27 -6.88 -29.50 -47.88
N LYS X 28 -5.59 -29.53 -48.17
CA LYS X 28 -4.77 -28.32 -48.08
C LYS X 28 -4.44 -27.75 -49.47
N ALA X 29 -3.23 -27.22 -49.62
CA ALA X 29 -2.80 -26.63 -50.89
C ALA X 29 -1.62 -27.40 -51.49
N GLY X 30 -0.97 -26.79 -52.48
CA GLY X 30 0.18 -27.39 -53.14
C GLY X 30 0.91 -26.45 -54.09
N LYS X 31 2.20 -26.23 -53.83
CA LYS X 31 3.00 -25.34 -54.66
C LYS X 31 3.10 -25.91 -56.07
N ALA X 32 3.51 -25.07 -57.04
CA ALA X 32 3.65 -25.50 -58.43
C ALA X 32 4.95 -24.98 -59.06
N SER X 33 5.15 -23.67 -58.98
CA SER X 33 6.37 -23.00 -59.43
C SER X 33 7.35 -23.83 -60.26
N LEU X 34 7.40 -23.55 -61.56
CA LEU X 34 8.46 -24.05 -62.44
C LEU X 34 8.29 -25.53 -62.87
N PHE X 35 7.06 -26.02 -62.78
CA PHE X 35 6.74 -27.33 -63.32
C PHE X 35 5.51 -27.18 -64.20
N ALA X 36 4.48 -26.57 -63.63
CA ALA X 36 3.20 -26.40 -64.31
C ALA X 36 3.38 -25.99 -65.77
N GLN X 37 2.68 -26.69 -66.66
CA GLN X 37 2.58 -26.23 -68.03
C GLN X 37 2.16 -24.79 -67.88
N GLY X 38 1.08 -24.59 -67.12
CA GLY X 38 0.58 -23.25 -66.82
C GLY X 38 1.77 -22.34 -66.87
N LYS X 39 2.87 -22.77 -66.27
CA LYS X 39 4.11 -22.01 -66.31
C LYS X 39 4.85 -22.21 -67.62
N ARG X 40 5.26 -23.45 -67.89
CA ARG X 40 5.99 -23.79 -69.11
C ARG X 40 5.67 -22.86 -70.29
N ARG X 41 4.41 -22.43 -70.37
CA ARG X 41 4.01 -21.47 -71.40
C ARG X 41 3.77 -20.08 -70.83
N TYR X 42 3.15 -20.02 -69.65
CA TYR X 42 2.77 -18.73 -69.06
C TYR X 42 3.98 -17.90 -68.63
N ASP X 43 5.17 -18.42 -68.91
CA ASP X 43 6.37 -17.62 -68.81
C ASP X 43 6.51 -16.84 -70.12
N ARG X 44 6.19 -15.54 -70.05
CA ARG X 44 6.21 -14.68 -71.23
C ARG X 44 6.03 -13.20 -70.81
N LYS X 45 5.32 -12.47 -71.67
CA LYS X 45 5.18 -11.01 -71.63
C LYS X 45 5.22 -10.62 -73.10
N GLN X 46 6.32 -11.04 -73.72
CA GLN X 46 6.45 -11.21 -75.13
C GLN X 46 7.10 -10.05 -75.78
N SER X 47 8.10 -9.41 -75.17
CA SER X 47 8.63 -9.73 -73.85
C SER X 47 9.43 -8.56 -73.27
N GLY X 48 9.59 -7.50 -74.08
CA GLY X 48 10.27 -6.28 -73.68
C GLY X 48 9.33 -5.43 -72.86
N PHE X 49 8.11 -5.93 -72.74
CA PHE X 49 7.07 -5.36 -71.89
C PHE X 49 5.93 -6.38 -71.86
N GLY X 50 4.96 -6.21 -70.95
CA GLY X 50 3.94 -7.22 -70.77
C GLY X 50 2.56 -6.78 -70.35
N GLY X 51 2.12 -7.28 -69.19
CA GLY X 51 0.79 -7.02 -68.68
C GLY X 51 0.33 -8.20 -67.84
N GLN X 52 -0.01 -9.28 -68.53
CA GLN X 52 -0.38 -10.55 -67.89
C GLN X 52 -1.24 -11.37 -68.84
N THR X 53 -2.40 -11.79 -68.34
CA THR X 53 -3.36 -12.54 -69.14
C THR X 53 -4.79 -12.18 -68.75
N LYS X 54 -5.66 -12.10 -69.75
CA LYS X 54 -7.05 -11.64 -69.62
C LYS X 54 -7.73 -11.89 -68.26
N PRO X 55 -7.43 -13.02 -67.64
CA PRO X 55 -7.99 -13.33 -66.33
C PRO X 55 -6.92 -13.25 -65.24
N VAL X 56 -6.65 -12.04 -64.77
CA VAL X 56 -5.61 -11.83 -63.76
C VAL X 56 -5.69 -10.48 -63.04
N PHE X 57 -6.67 -10.29 -62.17
CA PHE X 57 -7.73 -11.25 -61.83
C PHE X 57 -8.80 -10.60 -60.92
N HIS X 58 -8.55 -9.34 -60.55
CA HIS X 58 -9.36 -8.61 -59.57
C HIS X 58 -10.86 -8.61 -59.88
N LYS X 59 -11.60 -9.48 -59.22
CA LYS X 59 -13.05 -9.60 -59.43
C LYS X 59 -13.84 -9.18 -58.19
N LYS X 60 -14.49 -10.15 -57.55
CA LYS X 60 -15.25 -9.90 -56.35
C LYS X 60 -15.60 -11.22 -55.67
N ALA X 61 -14.88 -11.54 -54.60
CA ALA X 61 -15.01 -12.85 -53.96
C ALA X 61 -16.38 -13.11 -53.31
N LYS X 62 -16.44 -14.18 -52.51
CA LYS X 62 -17.69 -14.67 -51.96
C LYS X 62 -17.67 -14.74 -50.45
N THR X 63 -16.48 -14.58 -49.87
CA THR X 63 -16.32 -14.64 -48.42
C THR X 63 -16.72 -15.99 -47.83
N THR X 64 -16.52 -17.07 -48.59
CA THR X 64 -16.82 -18.41 -48.08
C THR X 64 -16.31 -19.53 -48.99
N LYS X 65 -15.06 -19.93 -48.82
CA LYS X 65 -14.50 -21.03 -49.60
C LYS X 65 -15.29 -22.31 -49.33
N LYS X 66 -14.64 -23.47 -49.39
CA LYS X 66 -15.33 -24.72 -49.10
C LYS X 66 -14.44 -25.75 -48.39
N VAL X 67 -15.07 -26.60 -47.58
CA VAL X 67 -14.40 -27.68 -46.86
C VAL X 67 -14.03 -28.72 -47.89
N VAL X 68 -12.75 -29.04 -47.97
CA VAL X 68 -12.31 -30.10 -48.84
C VAL X 68 -12.17 -31.38 -48.03
N LEU X 69 -13.30 -31.86 -47.50
CA LEU X 69 -13.32 -33.07 -46.68
C LEU X 69 -12.62 -34.19 -47.40
N ARG X 70 -11.69 -34.84 -46.70
CA ARG X 70 -10.82 -35.83 -47.31
C ARG X 70 -10.86 -37.15 -46.56
N LEU X 71 -12.04 -37.76 -46.52
CA LEU X 71 -12.19 -39.06 -45.90
C LEU X 71 -11.24 -40.12 -46.50
N GLU X 72 -10.80 -41.07 -45.67
CA GLU X 72 -9.82 -42.07 -46.08
C GLU X 72 -9.74 -43.24 -45.10
N CYS X 73 -10.22 -44.41 -45.52
CA CYS X 73 -10.16 -45.61 -44.70
C CYS X 73 -8.72 -46.07 -44.51
N VAL X 74 -8.55 -47.16 -43.76
CA VAL X 74 -7.23 -47.73 -43.52
C VAL X 74 -7.20 -49.22 -43.88
N LYS X 75 -8.35 -49.88 -43.74
CA LYS X 75 -8.46 -51.29 -44.14
C LYS X 75 -8.58 -51.37 -45.65
N CYS X 76 -9.51 -50.59 -46.21
CA CYS X 76 -9.67 -50.47 -47.67
C CYS X 76 -8.32 -50.16 -48.28
N LYS X 77 -7.38 -49.78 -47.41
CA LYS X 77 -6.00 -49.52 -47.80
C LYS X 77 -5.90 -48.33 -48.76
N THR X 78 -7.05 -47.90 -49.25
CA THR X 78 -7.10 -46.82 -50.22
C THR X 78 -8.56 -46.54 -50.54
N ARG X 79 -8.84 -45.37 -51.11
CA ARG X 79 -7.83 -44.35 -51.34
C ARG X 79 -8.39 -43.01 -50.89
N ALA X 80 -7.59 -42.25 -50.14
CA ALA X 80 -8.02 -40.96 -49.62
C ALA X 80 -9.09 -40.33 -50.51
N GLN X 81 -10.35 -40.54 -50.14
CA GLN X 81 -11.48 -40.12 -50.95
C GLN X 81 -11.99 -38.74 -50.56
N LEU X 82 -12.07 -37.83 -51.52
CA LEU X 82 -12.53 -36.47 -51.25
C LEU X 82 -14.06 -36.37 -51.21
N THR X 83 -14.58 -35.45 -50.40
CA THR X 83 -16.01 -35.14 -50.36
C THR X 83 -16.15 -33.62 -50.41
N LEU X 84 -17.38 -33.11 -50.33
CA LEU X 84 -17.58 -31.68 -50.46
C LEU X 84 -18.71 -31.10 -49.61
N LYS X 85 -18.35 -30.59 -48.42
CA LYS X 85 -19.28 -29.85 -47.58
C LYS X 85 -19.06 -28.37 -47.88
N ARG X 86 -20.15 -27.61 -48.03
CA ARG X 86 -20.06 -26.18 -48.40
C ARG X 86 -20.85 -25.25 -47.49
N CYS X 87 -20.11 -24.50 -46.68
CA CYS X 87 -20.65 -23.61 -45.66
C CYS X 87 -19.51 -23.18 -44.74
N LYS X 88 -19.16 -21.89 -44.82
CA LYS X 88 -18.08 -21.36 -43.99
C LYS X 88 -18.55 -20.06 -43.30
N HIS X 89 -17.99 -19.77 -42.13
CA HIS X 89 -16.88 -20.54 -41.58
C HIS X 89 -17.29 -21.62 -40.57
N PHE X 90 -16.36 -22.54 -40.30
CA PHE X 90 -16.57 -23.66 -39.39
C PHE X 90 -15.25 -24.37 -38.99
N GLU X 91 -15.35 -25.59 -38.49
CA GLU X 91 -14.18 -26.32 -37.99
C GLU X 91 -14.53 -27.74 -37.54
N LEU X 92 -13.50 -28.57 -37.41
CA LEU X 92 -13.62 -30.02 -37.16
C LEU X 92 -14.50 -30.39 -35.96
N GLY X 93 -14.21 -31.54 -35.37
CA GLY X 93 -15.06 -32.11 -34.31
C GLY X 93 -15.01 -31.46 -32.91
N GLY X 94 -16.15 -30.99 -32.42
CA GLY X 94 -16.19 -30.26 -31.14
C GLY X 94 -16.34 -31.15 -29.89
N GLU X 95 -17.56 -31.50 -29.44
CA GLU X 95 -18.85 -31.09 -29.98
C GLU X 95 -19.90 -30.92 -28.87
#